data_8YN7
#
_entry.id   8YN7
#
_cell.length_a   1.00
_cell.length_b   1.00
_cell.length_c   1.00
_cell.angle_alpha   90.00
_cell.angle_beta   90.00
_cell.angle_gamma   90.00
#
_symmetry.space_group_name_H-M   'P 1'
#
loop_
_entity.id
_entity.type
_entity.pdbx_description
1 polymer 'Engineered guanine nucleotide-binding protein G(o) subunit alpha,Guanine nucleotide-binding protein G(o) subunit alpha'
2 polymer 'Guanine nucleotide-binding protein G(I)/G(S)/G(T) subunit beta-1'
3 polymer 'Guanine nucleotide-binding protein G(I)/G(S)/G(O) subunit gamma-2'
4 polymer 'Antibody fragment scFv16'
5 polymer 'Histamine H3 receptor'
6 non-polymer 4-(1H-imidazol-4-ylmethyl)pyridine
7 non-polymer CHOLESTEROL
#
loop_
_entity_poly.entity_id
_entity_poly.type
_entity_poly.pdbx_seq_one_letter_code
_entity_poly.pdbx_strand_id
1 'polypeptide(L)'
;MTLSAEERAALERSKAIEKNLKEDGISAAKDVKLLLLGADNSGKSTIVKQMKIIHGGSGGSGGTTGIVETHFTFKNLHFR
LFDVGGQRSERKKWIHCFEDVTAIIFCVDLSDYNRMHESLMLFDSICNNKFFIDTSIILFLNKKDLFGEKIKKSPLTICF
PEYTGPNTYEDAAAYIQAQFESKNRSPNKEIYCHMTCATDTNNAQVIFDAVTDIIIANNLRGCGLY
;
A
2 'polypeptide(L)'
;MHHHHHHGSSGSELDQLRQEAEQLKNQIRDARKACADATLSQITNNIDPVGRIQMRTRRTLRGHLAKIYAMHWGTDSRLL
VSASQDGKLIIWDSYTTNKVHAIPLRSSWVMTCAYAPSGNYVACGGLDNICSIYNLKTREGNVRVSRELAGHTGYLSCCR
FLDDNQIVTSSGDTTCALWDIETGQQTTTFTGHTGDVMSLSLAPDTRLFVSGACDASAKLWDVREGMCRQTFTGHESDIN
AICFFPNGNAFATGSDDATCRLFDLRADQELMTYSHDNIICGITSVSFSKSGRLLLAGYDDFNCNVWDALKADRAGVLAG
HDNRVSCLGVTDDGMAVATGSWDSFLKIWNGSSGGGGSGGGGSSGVSGWRLFKKIS
;
B
3 'polypeptide(L)' MASNNTASIAQARKLVEQLKMEANIDRIKVSKAAADLMAYCEAHAKEDPLLTPVPASENPFREKKFFCAIL C
4 'polypeptide(L)'
;VQLVESGGGLVQPGGSRKLSCSASGFAFSSFGMHWVRQAPEKGLEWVAYISSGSGTIYYADTVKGRFTISRDDPKNTLFL
QMTSLRSEDTAMYYCVRSIYYYGSSPFDFWGQGTTLTVSAGGGGSGGGGSGGGGSADIVMTQATSSVPVTPGESVSISCR
SSKSLLHSNGNTYLYWFLQRPGQSPQLLIYRMSNLASGVPDRFSGSGSGTAFTLTISRLEAEDVGVYYCMQHLEYPLTFG
AGTKLELLEENLYFQ
;
E
5 'polypeptide(L)'
;DYKDDDDHHHHHHHHGQPGNGSAFLLAPNGSHAPDHNVTQQRDEENLYFQGVDMERAPPDGPLNASGALAGEAAAAGGAR
GFSAAWTAVLAALMALLIVATVLGNALVMLAFVADSSLRTQNNFFLLNLAISDFLVGAFCIPLYVPYVLTGRWTFGRGLC
KLWLVVDYLLCTSSAFNIVLISYDRFLSVTRAVSYRAQQGDTRRAVRKMLLVWVLAFLLYGPAILSWEYLSGGSSIPEGH
CYAEFFYNWYFLITASTLEFFTPFLSVTFFNLSIYLNIQRRTRLRLDGAREAAGPEPPPEAQPSPPPPPGCWGCWQKGHG
EAMPLHRYGVGEAAVGAEAGEATLGGGGGGGSVASPTSSSGSSSRGTERPRSLKRGSKPSASSASLEKRMKMVSQSFTQR
FRLSRDRKVAKSLAVIVSIFGLCWAPYTLLMIIRAACHGHCVPDYWYETSFWLLWANSAVNPVLYPLCHHSFRRAFTKLL
CPQKLKIQPHSSLEHCWKAAAVFTLEDFVGDWEQTAAYNLDQVLEQGGVSSLLQNLAVSVTPIQRIVRSGENALKIDIHV
IIPYEGLSADQMAQIEEVFKVVYPVDDHHFKVILPYGTLVIDGVTPNMLNYFGRPYEGIAVFDGKKITVTGTLWNGNKII
DERLITPDGSMLFRVTINS
;
R
#
loop_
_chem_comp.id
_chem_comp.type
_chem_comp.name
_chem_comp.formula
A1LY2 non-polymer 4-(1H-imidazol-4-ylmethyl)pyridine 'C9 H9 N3'
CLR non-polymer CHOLESTEROL 'C27 H46 O'
#
# COMPACT_ATOMS: atom_id res chain seq x y z
N THR A 2 13.11 7.87 17.06
CA THR A 2 14.40 7.21 16.87
C THR A 2 15.36 7.58 17.99
N LEU A 3 15.20 8.78 18.54
CA LEU A 3 16.08 9.25 19.60
C LEU A 3 16.01 8.36 20.83
N SER A 4 14.80 7.98 21.25
CA SER A 4 14.66 7.15 22.42
C SER A 4 15.13 5.74 22.14
N ALA A 5 15.52 5.03 23.21
CA ALA A 5 15.93 3.64 23.05
C ALA A 5 14.77 2.78 22.58
N GLU A 6 13.58 3.00 23.14
CA GLU A 6 12.40 2.27 22.71
C GLU A 6 11.94 2.71 21.31
N GLU A 7 12.09 4.00 20.99
CA GLU A 7 11.74 4.45 19.65
C GLU A 7 12.67 3.85 18.59
N ARG A 8 13.94 3.65 18.93
CA ARG A 8 14.86 3.03 17.98
C ARG A 8 14.45 1.59 17.68
N ALA A 9 14.03 0.85 18.70
CA ALA A 9 13.55 -0.51 18.48
C ALA A 9 12.19 -0.52 17.80
N ALA A 10 11.35 0.46 18.09
CA ALA A 10 10.07 0.59 17.38
C ALA A 10 10.30 0.90 15.90
N LEU A 11 11.26 1.77 15.60
CA LEU A 11 11.60 2.04 14.20
C LEU A 11 12.16 0.80 13.52
N GLU A 12 12.97 0.02 14.23
CA GLU A 12 13.50 -1.22 13.65
C GLU A 12 12.38 -2.20 13.36
N ARG A 13 11.39 -2.29 14.26
CA ARG A 13 10.24 -3.15 14.00
C ARG A 13 9.48 -2.70 12.75
N SER A 14 9.31 -1.39 12.59
CA SER A 14 8.63 -0.87 11.41
C SER A 14 9.38 -1.22 10.14
N LYS A 15 10.71 -1.08 10.15
CA LYS A 15 11.51 -1.41 8.98
C LYS A 15 11.40 -2.89 8.63
N ALA A 16 11.38 -3.76 9.64
CA ALA A 16 11.18 -5.18 9.39
C ALA A 16 9.82 -5.46 8.76
N ILE A 17 8.80 -4.71 9.17
CA ILE A 17 7.48 -4.85 8.56
C ILE A 17 7.52 -4.41 7.10
N GLU A 18 8.19 -3.30 6.81
CA GLU A 18 8.26 -2.81 5.44
C GLU A 18 8.95 -3.81 4.53
N LYS A 19 9.96 -4.50 5.04
CA LYS A 19 10.68 -5.48 4.22
C LYS A 19 9.77 -6.66 3.87
N ASN A 20 8.96 -7.11 4.82
CA ASN A 20 8.05 -8.23 4.53
C ASN A 20 6.94 -7.83 3.59
N LEU A 21 6.52 -6.56 3.61
CA LEU A 21 5.48 -6.10 2.70
C LEU A 21 5.97 -6.14 1.26
N LYS A 22 7.23 -5.77 1.03
CA LYS A 22 7.80 -5.85 -0.32
C LYS A 22 7.96 -7.28 -0.78
N GLU A 23 8.41 -8.17 0.11
CA GLU A 23 8.56 -9.57 -0.26
C GLU A 23 7.23 -10.20 -0.63
N ASP A 24 6.17 -9.90 0.12
CA ASP A 24 4.86 -10.42 -0.21
C ASP A 24 4.35 -9.84 -1.52
N GLY A 25 4.58 -8.55 -1.75
CA GLY A 25 4.11 -7.92 -2.98
C GLY A 25 4.80 -8.45 -4.22
N ILE A 26 6.10 -8.74 -4.12
CA ILE A 26 6.83 -9.32 -5.25
C ILE A 26 6.28 -10.69 -5.60
N SER A 27 6.02 -11.52 -4.58
CA SER A 27 5.44 -12.84 -4.83
C SER A 27 4.00 -12.73 -5.32
N ALA A 28 3.28 -11.69 -4.90
CA ALA A 28 1.90 -11.50 -5.35
C ALA A 28 1.83 -11.07 -6.81
N ALA A 29 2.79 -10.28 -7.26
CA ALA A 29 2.80 -9.80 -8.64
C ALA A 29 3.15 -10.88 -9.65
N LYS A 30 3.61 -12.04 -9.20
CA LYS A 30 3.95 -13.14 -10.09
C LYS A 30 2.75 -14.03 -10.41
N ASP A 31 1.58 -13.74 -9.86
CA ASP A 31 0.37 -14.51 -10.12
C ASP A 31 -0.46 -13.84 -11.19
N VAL A 32 -1.09 -14.65 -12.04
CA VAL A 32 -1.98 -14.18 -13.09
C VAL A 32 -3.40 -14.26 -12.56
N LYS A 33 -4.02 -13.12 -12.31
CA LYS A 33 -5.37 -13.05 -11.77
C LYS A 33 -6.36 -12.97 -12.92
N LEU A 34 -7.35 -13.85 -12.92
CA LEU A 34 -8.34 -13.94 -13.99
C LEU A 34 -9.72 -13.82 -13.38
N LEU A 35 -10.56 -12.97 -13.96
CA LEU A 35 -11.94 -12.82 -13.53
C LEU A 35 -12.83 -13.72 -14.39
N LEU A 36 -13.56 -14.61 -13.75
CA LEU A 36 -14.40 -15.59 -14.44
C LEU A 36 -15.83 -15.09 -14.44
N LEU A 37 -16.40 -14.92 -15.63
CA LEU A 37 -17.75 -14.41 -15.80
C LEU A 37 -18.51 -15.29 -16.79
N GLY A 38 -19.82 -15.06 -16.85
CA GLY A 38 -20.67 -15.80 -17.76
C GLY A 38 -22.08 -15.88 -17.21
N ALA A 39 -22.89 -16.70 -17.87
CA ALA A 39 -24.27 -16.89 -17.46
C ALA A 39 -24.33 -17.72 -16.18
N ASP A 40 -25.56 -17.94 -15.69
CA ASP A 40 -25.74 -18.70 -14.47
C ASP A 40 -25.22 -20.13 -14.61
N ASN A 41 -25.52 -20.78 -15.73
CA ASN A 41 -25.01 -22.12 -16.03
C ASN A 41 -24.42 -22.07 -17.44
N SER A 42 -23.14 -21.69 -17.53
CA SER A 42 -22.45 -21.59 -18.80
C SER A 42 -21.16 -22.41 -18.82
N GLY A 43 -21.01 -23.34 -17.87
CA GLY A 43 -19.82 -24.16 -17.80
C GLY A 43 -18.63 -23.52 -17.12
N LYS A 44 -18.79 -22.35 -16.51
CA LYS A 44 -17.67 -21.72 -15.83
C LYS A 44 -17.22 -22.49 -14.59
N SER A 45 -18.08 -23.34 -14.05
CA SER A 45 -17.72 -24.09 -12.85
C SER A 45 -16.61 -25.10 -13.13
N THR A 46 -16.63 -25.71 -14.31
CA THR A 46 -15.67 -26.72 -14.71
C THR A 46 -14.94 -26.32 -15.98
N ILE A 47 -14.53 -25.05 -16.05
CA ILE A 47 -13.83 -24.57 -17.24
C ILE A 47 -12.45 -25.20 -17.35
N VAL A 48 -11.83 -25.54 -16.22
CA VAL A 48 -10.53 -26.21 -16.19
C VAL A 48 -10.65 -27.40 -15.27
N LYS A 49 -10.19 -28.57 -15.73
CA LYS A 49 -10.33 -29.77 -14.92
C LYS A 49 -9.30 -29.81 -13.78
N GLN A 50 -8.07 -29.37 -14.04
CA GLN A 50 -7.01 -29.50 -13.05
C GLN A 50 -7.06 -28.44 -11.97
N MET A 51 -7.89 -27.41 -12.12
CA MET A 51 -7.99 -26.37 -11.11
C MET A 51 -8.72 -26.88 -9.88
N LYS A 52 -8.30 -26.37 -8.72
CA LYS A 52 -8.88 -26.74 -7.43
C LYS A 52 -9.22 -25.49 -6.64
N ILE A 53 -10.35 -25.53 -5.95
CA ILE A 53 -10.83 -24.37 -5.19
C ILE A 53 -9.95 -24.18 -3.96
N ILE A 54 -9.50 -22.96 -3.76
CA ILE A 54 -8.67 -22.63 -2.60
C ILE A 54 -9.52 -21.97 -1.53
N THR A 65 -21.81 -18.16 -1.42
CA THR A 65 -22.40 -16.84 -1.36
C THR A 65 -21.35 -15.76 -1.61
N GLY A 66 -20.13 -16.03 -1.17
CA GLY A 66 -19.01 -15.11 -1.38
C GLY A 66 -18.29 -15.39 -2.68
N ILE A 67 -17.15 -14.72 -2.84
CA ILE A 67 -16.32 -14.90 -4.01
C ILE A 67 -15.59 -16.24 -3.89
N VAL A 68 -15.67 -17.04 -4.95
CA VAL A 68 -15.00 -18.34 -5.01
C VAL A 68 -13.72 -18.17 -5.81
N GLU A 69 -12.59 -18.38 -5.15
CA GLU A 69 -11.27 -18.27 -5.78
C GLU A 69 -10.75 -19.67 -6.11
N THR A 70 -10.30 -19.84 -7.35
CA THR A 70 -9.75 -21.11 -7.80
C THR A 70 -8.37 -20.85 -8.41
N HIS A 71 -7.41 -21.70 -8.07
CA HIS A 71 -6.03 -21.51 -8.48
C HIS A 71 -5.47 -22.79 -9.06
N PHE A 72 -4.56 -22.63 -10.02
CA PHE A 72 -3.82 -23.75 -10.58
C PHE A 72 -2.53 -23.22 -11.20
N THR A 73 -1.60 -24.13 -11.44
CA THR A 73 -0.31 -23.79 -12.02
C THR A 73 -0.15 -24.53 -13.34
N PHE A 74 0.25 -23.80 -14.38
CA PHE A 74 0.41 -24.37 -15.71
C PHE A 74 1.62 -23.72 -16.38
N LYS A 75 2.66 -24.53 -16.60
CA LYS A 75 3.87 -24.10 -17.29
C LYS A 75 4.51 -22.89 -16.61
N ASN A 76 4.87 -23.08 -15.34
CA ASN A 76 5.58 -22.08 -14.54
C ASN A 76 4.82 -20.77 -14.45
N LEU A 77 3.49 -20.84 -14.48
CA LEU A 77 2.64 -19.67 -14.35
C LEU A 77 1.49 -20.01 -13.42
N HIS A 78 1.25 -19.16 -12.44
CA HIS A 78 0.21 -19.40 -11.43
C HIS A 78 -1.01 -18.57 -11.78
N PHE A 79 -2.15 -19.24 -11.97
CA PHE A 79 -3.39 -18.59 -12.35
C PHE A 79 -4.34 -18.58 -11.16
N ARG A 80 -4.92 -17.42 -10.87
CA ARG A 80 -5.92 -17.28 -9.83
C ARG A 80 -7.24 -16.90 -10.49
N LEU A 81 -8.22 -17.79 -10.42
CA LEU A 81 -9.52 -17.57 -11.05
C LEU A 81 -10.54 -17.22 -9.97
N PHE A 82 -11.20 -16.09 -10.15
CA PHE A 82 -12.20 -15.61 -9.21
C PHE A 82 -13.56 -15.70 -9.84
N ASP A 83 -14.47 -16.45 -9.22
CA ASP A 83 -15.85 -16.57 -9.68
C ASP A 83 -16.73 -15.70 -8.80
N VAL A 84 -17.39 -14.72 -9.42
CA VAL A 84 -18.21 -13.76 -8.70
C VAL A 84 -19.70 -14.03 -8.89
N GLY A 85 -20.05 -15.23 -9.36
CA GLY A 85 -21.44 -15.56 -9.58
C GLY A 85 -22.25 -15.69 -8.31
N GLY A 86 -21.59 -15.92 -7.18
CA GLY A 86 -22.30 -16.02 -5.91
C GLY A 86 -22.76 -14.70 -5.34
N GLN A 87 -22.25 -13.59 -5.86
CA GLN A 87 -22.63 -12.26 -5.40
C GLN A 87 -23.90 -11.86 -6.14
N ARG A 88 -25.04 -11.95 -5.47
CA ARG A 88 -26.32 -11.55 -6.04
C ARG A 88 -26.60 -10.06 -5.89
N SER A 89 -25.70 -9.31 -5.27
CA SER A 89 -25.88 -7.88 -5.06
C SER A 89 -25.60 -7.13 -6.36
N GLU A 90 -25.62 -5.80 -6.30
CA GLU A 90 -25.38 -4.99 -7.48
C GLU A 90 -23.92 -5.10 -7.91
N ARG A 91 -23.71 -5.47 -9.18
CA ARG A 91 -22.36 -5.72 -9.67
C ARG A 91 -21.52 -4.45 -9.74
N LYS A 92 -22.11 -3.35 -10.17
CA LYS A 92 -21.33 -2.12 -10.34
C LYS A 92 -20.93 -1.47 -9.03
N LYS A 93 -21.21 -2.07 -7.89
CA LYS A 93 -20.69 -1.57 -6.62
C LYS A 93 -19.41 -2.26 -6.18
N TRP A 94 -19.10 -3.41 -6.75
CA TRP A 94 -17.89 -4.16 -6.40
C TRP A 94 -17.11 -4.67 -7.60
N ILE A 95 -17.51 -4.32 -8.83
CA ILE A 95 -16.79 -4.80 -10.00
C ILE A 95 -15.46 -4.06 -10.18
N HIS A 96 -15.32 -2.88 -9.57
CA HIS A 96 -14.06 -2.15 -9.65
C HIS A 96 -12.96 -2.77 -8.81
N CYS A 97 -13.30 -3.74 -7.95
CA CYS A 97 -12.29 -4.46 -7.20
C CYS A 97 -11.40 -5.32 -8.10
N PHE A 98 -11.84 -5.59 -9.32
CA PHE A 98 -11.08 -6.39 -10.28
C PHE A 98 -10.52 -5.54 -11.42
N GLU A 99 -10.34 -4.24 -11.19
CA GLU A 99 -9.84 -3.38 -12.25
C GLU A 99 -8.43 -3.76 -12.69
N ASP A 100 -7.65 -4.38 -11.80
CA ASP A 100 -6.28 -4.80 -12.10
C ASP A 100 -6.19 -6.27 -12.46
N VAL A 101 -7.22 -6.80 -13.10
CA VAL A 101 -7.24 -8.21 -13.51
C VAL A 101 -6.48 -8.37 -14.81
N THR A 102 -5.76 -9.49 -14.94
CA THR A 102 -4.98 -9.73 -16.15
C THR A 102 -5.88 -9.91 -17.37
N ALA A 103 -6.93 -10.72 -17.23
CA ALA A 103 -7.85 -10.99 -18.32
C ALA A 103 -9.18 -11.43 -17.73
N ILE A 104 -10.21 -11.40 -18.57
CA ILE A 104 -11.55 -11.83 -18.21
C ILE A 104 -11.88 -13.08 -19.00
N ILE A 105 -12.32 -14.12 -18.32
CA ILE A 105 -12.77 -15.35 -18.95
C ILE A 105 -14.29 -15.33 -18.97
N PHE A 106 -14.86 -15.25 -20.16
CA PHE A 106 -16.31 -15.20 -20.34
C PHE A 106 -16.78 -16.51 -20.95
N CYS A 107 -17.73 -17.18 -20.29
CA CYS A 107 -18.24 -18.47 -20.72
C CYS A 107 -19.65 -18.30 -21.25
N VAL A 108 -19.89 -18.82 -22.45
CA VAL A 108 -21.20 -18.76 -23.09
C VAL A 108 -21.59 -20.18 -23.51
N ASP A 109 -22.79 -20.59 -23.15
CA ASP A 109 -23.30 -21.91 -23.53
C ASP A 109 -24.01 -21.80 -24.87
N LEU A 110 -23.53 -22.56 -25.85
CA LEU A 110 -24.12 -22.54 -27.18
C LEU A 110 -25.36 -23.42 -27.31
N SER A 111 -25.67 -24.23 -26.30
CA SER A 111 -26.82 -25.12 -26.34
C SER A 111 -28.03 -24.56 -25.62
N ASP A 112 -28.00 -23.28 -25.22
CA ASP A 112 -29.10 -22.65 -24.51
C ASP A 112 -29.49 -21.37 -25.25
N TYR A 113 -30.58 -21.43 -26.01
CA TYR A 113 -31.03 -20.26 -26.75
C TYR A 113 -31.72 -19.25 -25.85
N ASN A 114 -32.36 -19.69 -24.77
CA ASN A 114 -33.05 -18.78 -23.88
C ASN A 114 -32.07 -17.82 -23.19
N ARG A 115 -30.92 -18.33 -22.76
CA ARG A 115 -29.91 -17.51 -22.11
C ARG A 115 -28.89 -16.93 -23.09
N MET A 116 -29.05 -17.19 -24.40
CA MET A 116 -28.10 -16.65 -25.36
C MET A 116 -28.16 -15.13 -25.39
N HIS A 117 -29.36 -14.56 -25.45
CA HIS A 117 -29.50 -13.11 -25.42
C HIS A 117 -29.15 -12.54 -24.05
N GLU A 118 -29.26 -13.34 -22.99
CA GLU A 118 -28.79 -12.88 -21.68
C GLU A 118 -27.27 -12.68 -21.69
N SER A 119 -26.55 -13.60 -22.34
CA SER A 119 -25.09 -13.48 -22.40
C SER A 119 -24.67 -12.28 -23.24
N LEU A 120 -25.42 -11.98 -24.31
CA LEU A 120 -25.06 -10.87 -25.18
C LEU A 120 -25.10 -9.54 -24.43
N MET A 121 -26.15 -9.31 -23.63
CA MET A 121 -26.21 -8.07 -22.87
C MET A 121 -25.26 -8.10 -21.69
N LEU A 122 -25.01 -9.28 -21.12
CA LEU A 122 -23.99 -9.39 -20.08
C LEU A 122 -22.60 -9.13 -20.64
N PHE A 123 -22.32 -9.62 -21.85
CA PHE A 123 -21.02 -9.38 -22.47
C PHE A 123 -20.83 -7.91 -22.79
N ASP A 124 -21.88 -7.24 -23.26
CA ASP A 124 -21.76 -5.84 -23.66
C ASP A 124 -21.39 -4.96 -22.47
N SER A 125 -22.02 -5.18 -21.33
CA SER A 125 -21.73 -4.36 -20.15
C SER A 125 -20.31 -4.56 -19.67
N ILE A 126 -19.85 -5.81 -19.62
CA ILE A 126 -18.49 -6.09 -19.15
C ILE A 126 -17.47 -5.61 -20.17
N CYS A 127 -17.73 -5.85 -21.46
CA CYS A 127 -16.78 -5.46 -22.50
C CYS A 127 -16.60 -3.95 -22.55
N ASN A 128 -17.69 -3.20 -22.36
CA ASN A 128 -17.66 -1.75 -22.42
C ASN A 128 -17.68 -1.11 -21.04
N ASN A 129 -17.32 -1.87 -20.00
CA ASN A 129 -17.27 -1.31 -18.66
C ASN A 129 -16.16 -0.27 -18.55
N LYS A 130 -16.39 0.73 -17.70
CA LYS A 130 -15.43 1.82 -17.54
C LYS A 130 -14.14 1.37 -16.86
N PHE A 131 -14.18 0.26 -16.12
CA PHE A 131 -13.01 -0.26 -15.43
C PHE A 131 -12.29 -1.34 -16.19
N PHE A 132 -12.78 -1.73 -17.36
CA PHE A 132 -12.20 -2.81 -18.15
C PHE A 132 -12.01 -2.37 -19.59
N ILE A 133 -11.51 -1.15 -19.79
CA ILE A 133 -11.28 -0.67 -21.14
C ILE A 133 -10.12 -1.41 -21.79
N ASP A 134 -9.02 -1.58 -21.05
CA ASP A 134 -7.81 -2.20 -21.57
C ASP A 134 -7.69 -3.65 -21.15
N THR A 135 -8.74 -4.25 -20.63
CA THR A 135 -8.70 -5.63 -20.16
C THR A 135 -9.15 -6.56 -21.29
N SER A 136 -8.31 -7.52 -21.64
CA SER A 136 -8.66 -8.47 -22.68
C SER A 136 -9.68 -9.48 -22.15
N ILE A 137 -10.36 -10.14 -23.08
CA ILE A 137 -11.41 -11.09 -22.76
C ILE A 137 -11.08 -12.40 -23.45
N ILE A 138 -11.16 -13.49 -22.71
CA ILE A 138 -11.00 -14.84 -23.28
C ILE A 138 -12.40 -15.44 -23.35
N LEU A 139 -13.04 -15.28 -24.50
CA LEU A 139 -14.40 -15.75 -24.67
C LEU A 139 -14.41 -17.26 -24.87
N PHE A 140 -15.27 -17.95 -24.12
CA PHE A 140 -15.43 -19.39 -24.24
C PHE A 140 -16.85 -19.70 -24.68
N LEU A 141 -16.98 -20.48 -25.74
CA LEU A 141 -18.26 -20.93 -26.27
C LEU A 141 -18.34 -22.43 -26.00
N ASN A 142 -18.91 -22.79 -24.86
CA ASN A 142 -18.92 -24.16 -24.39
C ASN A 142 -20.03 -24.97 -25.07
N LYS A 143 -19.97 -26.28 -24.88
CA LYS A 143 -20.99 -27.21 -25.37
C LYS A 143 -21.17 -27.10 -26.88
N LYS A 144 -20.06 -26.95 -27.61
CA LYS A 144 -20.14 -26.84 -29.06
C LYS A 144 -20.56 -28.16 -29.70
N ASP A 145 -20.35 -29.29 -29.02
CA ASP A 145 -20.81 -30.57 -29.55
C ASP A 145 -22.32 -30.69 -29.42
N LEU A 146 -22.88 -30.25 -28.29
CA LEU A 146 -24.33 -30.23 -28.13
C LEU A 146 -24.98 -29.23 -29.08
N PHE A 147 -24.29 -28.11 -29.34
CA PHE A 147 -24.82 -27.12 -30.28
C PHE A 147 -24.93 -27.71 -31.68
N GLY A 148 -23.93 -28.48 -32.10
CA GLY A 148 -24.00 -29.13 -33.40
C GLY A 148 -25.10 -30.17 -33.48
N GLU A 149 -25.28 -30.93 -32.41
CA GLU A 149 -26.35 -31.92 -32.39
C GLU A 149 -27.72 -31.26 -32.38
N LYS A 150 -27.87 -30.16 -31.64
CA LYS A 150 -29.15 -29.49 -31.52
C LYS A 150 -29.45 -28.52 -32.65
N ILE A 151 -28.45 -28.16 -33.48
CA ILE A 151 -28.70 -27.27 -34.60
C ILE A 151 -29.48 -27.95 -35.72
N LYS A 152 -29.56 -29.28 -35.70
CA LYS A 152 -30.32 -29.99 -36.73
C LYS A 152 -31.80 -29.73 -36.60
N LYS A 153 -32.39 -30.10 -35.45
CA LYS A 153 -33.82 -29.92 -35.26
C LYS A 153 -34.18 -28.46 -35.01
N SER A 154 -33.37 -27.76 -34.21
CA SER A 154 -33.66 -26.38 -33.86
C SER A 154 -32.74 -25.45 -34.66
N PRO A 155 -33.26 -24.69 -35.62
CA PRO A 155 -32.41 -23.77 -36.37
C PRO A 155 -31.94 -22.61 -35.49
N LEU A 156 -30.83 -22.00 -35.92
CA LEU A 156 -30.30 -20.85 -35.20
C LEU A 156 -31.22 -19.63 -35.32
N THR A 157 -32.14 -19.63 -36.29
CA THR A 157 -33.03 -18.49 -36.45
C THR A 157 -34.01 -18.34 -35.30
N ILE A 158 -34.18 -19.37 -34.47
CA ILE A 158 -35.09 -19.28 -33.33
C ILE A 158 -34.61 -18.23 -32.34
N CYS A 159 -33.32 -18.27 -32.00
CA CYS A 159 -32.76 -17.32 -31.05
C CYS A 159 -32.36 -16.01 -31.73
N PHE A 160 -31.90 -16.08 -32.98
CA PHE A 160 -31.52 -14.89 -33.75
C PHE A 160 -32.45 -14.79 -34.95
N PRO A 161 -33.54 -14.02 -34.85
CA PRO A 161 -34.42 -13.86 -36.01
C PRO A 161 -33.75 -13.22 -37.21
N GLU A 162 -32.79 -12.32 -37.00
CA GLU A 162 -32.13 -11.64 -38.09
C GLU A 162 -31.11 -12.52 -38.80
N TYR A 163 -30.81 -13.70 -38.26
CA TYR A 163 -29.85 -14.59 -38.91
C TYR A 163 -30.42 -15.12 -40.22
N THR A 164 -29.63 -14.99 -41.30
CA THR A 164 -30.06 -15.43 -42.62
C THR A 164 -29.06 -16.36 -43.29
N GLY A 165 -28.00 -16.76 -42.58
CA GLY A 165 -26.99 -17.61 -43.16
C GLY A 165 -27.42 -19.06 -43.20
N PRO A 166 -26.51 -19.91 -43.67
CA PRO A 166 -26.80 -21.34 -43.73
C PRO A 166 -26.95 -21.95 -42.35
N ASN A 167 -27.67 -23.07 -42.29
CA ASN A 167 -27.95 -23.75 -41.03
C ASN A 167 -26.87 -24.74 -40.64
N THR A 168 -25.76 -24.79 -41.38
CA THR A 168 -24.68 -25.70 -41.05
C THR A 168 -24.04 -25.32 -39.72
N TYR A 169 -23.44 -26.31 -39.06
CA TYR A 169 -22.87 -26.08 -37.74
C TYR A 169 -21.73 -25.07 -37.79
N GLU A 170 -20.86 -25.16 -38.81
CA GLU A 170 -19.69 -24.30 -38.87
C GLU A 170 -20.08 -22.83 -38.99
N ASP A 171 -21.06 -22.52 -39.84
CA ASP A 171 -21.47 -21.13 -40.01
C ASP A 171 -22.33 -20.64 -38.84
N ALA A 172 -23.14 -21.52 -38.26
CA ALA A 172 -23.99 -21.12 -37.14
C ALA A 172 -23.15 -20.74 -35.93
N ALA A 173 -22.12 -21.53 -35.62
CA ALA A 173 -21.23 -21.20 -34.51
C ALA A 173 -20.45 -19.92 -34.78
N ALA A 174 -20.00 -19.73 -36.02
CA ALA A 174 -19.26 -18.53 -36.36
C ALA A 174 -20.12 -17.27 -36.23
N TYR A 175 -21.41 -17.38 -36.57
CA TYR A 175 -22.29 -16.23 -36.46
C TYR A 175 -22.47 -15.82 -35.00
N ILE A 176 -22.58 -16.79 -34.09
CA ILE A 176 -22.73 -16.48 -32.68
C ILE A 176 -21.48 -15.78 -32.16
N GLN A 177 -20.31 -16.27 -32.55
CA GLN A 177 -19.06 -15.65 -32.13
C GLN A 177 -18.95 -14.22 -32.63
N ALA A 178 -19.35 -13.97 -33.88
CA ALA A 178 -19.30 -12.62 -34.42
C ALA A 178 -20.26 -11.69 -33.70
N GLN A 179 -21.35 -12.22 -33.14
CA GLN A 179 -22.28 -11.39 -32.39
C GLN A 179 -21.62 -10.82 -31.14
N PHE A 180 -20.84 -11.63 -30.43
CA PHE A 180 -20.20 -11.16 -29.22
C PHE A 180 -19.07 -10.19 -29.53
N GLU A 181 -18.25 -10.49 -30.53
CA GLU A 181 -17.15 -9.61 -30.89
C GLU A 181 -17.64 -8.27 -31.45
N SER A 182 -18.90 -8.21 -31.89
CA SER A 182 -19.48 -6.94 -32.33
C SER A 182 -19.78 -6.02 -31.16
N LYS A 183 -19.84 -6.54 -29.94
CA LYS A 183 -20.09 -5.71 -28.77
C LYS A 183 -18.87 -4.89 -28.37
N ASN A 184 -17.69 -5.25 -28.88
CA ASN A 184 -16.45 -4.55 -28.53
C ASN A 184 -16.33 -3.30 -29.38
N ARG A 185 -16.42 -2.13 -28.75
CA ARG A 185 -16.29 -0.86 -29.44
C ARG A 185 -14.92 -0.22 -29.26
N SER A 186 -14.00 -0.88 -28.55
CA SER A 186 -12.68 -0.35 -28.31
C SER A 186 -11.66 -1.12 -29.13
N PRO A 187 -10.98 -0.47 -30.09
CA PRO A 187 -9.97 -1.18 -30.88
C PRO A 187 -8.80 -1.72 -30.08
N ASN A 188 -8.54 -1.15 -28.90
CA ASN A 188 -7.40 -1.60 -28.10
C ASN A 188 -7.65 -2.91 -27.38
N LYS A 189 -8.89 -3.39 -27.34
CA LYS A 189 -9.23 -4.60 -26.62
C LYS A 189 -9.19 -5.80 -27.56
N GLU A 190 -8.57 -6.87 -27.10
CA GLU A 190 -8.45 -8.10 -27.88
C GLU A 190 -9.25 -9.20 -27.22
N ILE A 191 -10.09 -9.88 -28.00
CA ILE A 191 -10.97 -10.94 -27.52
C ILE A 191 -10.47 -12.26 -28.10
N TYR A 192 -10.24 -13.23 -27.22
CA TYR A 192 -9.72 -14.53 -27.60
C TYR A 192 -10.85 -15.54 -27.52
N CYS A 193 -11.50 -15.79 -28.65
CA CYS A 193 -12.61 -16.73 -28.71
C CYS A 193 -12.11 -18.15 -28.93
N HIS A 194 -12.81 -19.11 -28.32
CA HIS A 194 -12.44 -20.51 -28.44
C HIS A 194 -13.70 -21.36 -28.39
N MET A 195 -13.79 -22.33 -29.29
CA MET A 195 -14.89 -23.30 -29.32
C MET A 195 -14.44 -24.56 -28.60
N THR A 196 -15.11 -24.88 -27.50
CA THR A 196 -14.72 -26.01 -26.66
C THR A 196 -15.91 -26.93 -26.44
N CYS A 197 -15.61 -28.17 -26.07
CA CYS A 197 -16.60 -29.19 -25.80
C CYS A 197 -16.67 -29.46 -24.29
N ALA A 198 -17.56 -30.38 -23.91
CA ALA A 198 -17.62 -30.82 -22.53
C ALA A 198 -16.49 -31.76 -22.19
N THR A 199 -16.03 -32.56 -23.15
CA THR A 199 -14.94 -33.50 -22.94
C THR A 199 -13.58 -32.91 -23.29
N ASP A 200 -13.53 -31.63 -23.68
CA ASP A 200 -12.28 -30.99 -24.04
C ASP A 200 -11.39 -30.85 -22.79
N THR A 201 -10.10 -31.14 -22.96
CA THR A 201 -9.17 -31.15 -21.83
C THR A 201 -7.95 -30.26 -22.08
N ASN A 202 -8.04 -29.31 -23.00
CA ASN A 202 -6.94 -28.39 -23.28
C ASN A 202 -7.31 -26.94 -22.99
N ASN A 203 -8.31 -26.71 -22.14
CA ASN A 203 -8.71 -25.34 -21.83
C ASN A 203 -7.62 -24.59 -21.07
N ALA A 204 -6.79 -25.30 -20.30
CA ALA A 204 -5.68 -24.65 -19.63
C ALA A 204 -4.67 -24.11 -20.63
N GLN A 205 -4.41 -24.86 -21.70
CA GLN A 205 -3.51 -24.39 -22.74
C GLN A 205 -4.05 -23.16 -23.45
N VAL A 206 -5.36 -23.14 -23.72
CA VAL A 206 -5.98 -21.99 -24.39
C VAL A 206 -5.86 -20.75 -23.54
N ILE A 207 -6.10 -20.86 -22.23
CA ILE A 207 -5.93 -19.71 -21.34
C ILE A 207 -4.46 -19.30 -21.29
N PHE A 208 -3.56 -20.28 -21.18
CA PHE A 208 -2.14 -19.97 -21.10
C PHE A 208 -1.65 -19.29 -22.38
N ASP A 209 -2.10 -19.77 -23.54
CA ASP A 209 -1.70 -19.14 -24.80
C ASP A 209 -2.24 -17.71 -24.89
N ALA A 210 -3.48 -17.51 -24.44
CA ALA A 210 -4.06 -16.17 -24.50
C ALA A 210 -3.41 -15.24 -23.47
N VAL A 211 -3.12 -15.76 -22.28
CA VAL A 211 -2.49 -14.94 -21.25
C VAL A 211 -1.07 -14.57 -21.66
N THR A 212 -0.36 -15.51 -22.29
CA THR A 212 1.00 -15.23 -22.75
C THR A 212 1.01 -14.10 -23.77
N ASP A 213 0.03 -14.08 -24.67
CA ASP A 213 -0.07 -12.98 -25.63
C ASP A 213 -0.37 -11.66 -24.92
N ILE A 214 -1.22 -11.70 -23.89
CA ILE A 214 -1.54 -10.50 -23.14
C ILE A 214 -0.32 -10.00 -22.37
N ILE A 215 0.45 -10.92 -21.79
CA ILE A 215 1.63 -10.54 -21.03
C ILE A 215 2.65 -9.84 -21.92
N ILE A 216 2.84 -10.36 -23.14
CA ILE A 216 3.79 -9.74 -24.07
C ILE A 216 3.37 -8.32 -24.40
N ALA A 217 2.07 -8.11 -24.65
CA ALA A 217 1.58 -6.75 -24.87
C ALA A 217 1.80 -5.88 -23.64
N ASN A 218 1.64 -6.46 -22.44
CA ASN A 218 1.92 -5.71 -21.23
C ASN A 218 3.42 -5.46 -21.09
N ASN A 219 4.25 -6.46 -21.40
CA ASN A 219 5.69 -6.30 -21.31
C ASN A 219 6.17 -5.23 -22.29
N LEU A 220 5.62 -5.22 -23.50
CA LEU A 220 6.01 -4.23 -24.50
C LEU A 220 5.68 -2.82 -24.02
N ARG A 221 4.53 -2.66 -23.36
CA ARG A 221 4.25 -1.39 -22.70
C ARG A 221 5.24 -1.12 -21.57
N GLY A 222 5.64 -2.16 -20.84
CA GLY A 222 6.58 -1.99 -19.74
C GLY A 222 7.96 -1.59 -20.22
N CYS A 223 8.41 -2.14 -21.35
CA CYS A 223 9.73 -1.83 -21.88
C CYS A 223 9.73 -0.58 -22.75
N GLY A 224 8.59 0.08 -22.92
CA GLY A 224 8.52 1.33 -23.63
C GLY A 224 8.41 1.24 -25.13
N LEU A 225 8.40 0.03 -25.70
CA LEU A 225 8.22 -0.09 -27.15
C LEU A 225 6.84 0.37 -27.58
N TYR A 226 5.81 0.06 -26.79
CA TYR A 226 4.46 0.54 -27.08
C TYR A 226 4.30 1.99 -26.63
N SER B 12 -57.36 -7.09 -5.11
CA SER B 12 -58.32 -6.33 -4.31
C SER B 12 -57.67 -5.82 -3.03
N GLU B 13 -57.34 -6.76 -2.13
CA GLU B 13 -56.69 -6.37 -0.88
C GLU B 13 -55.31 -5.77 -1.12
N LEU B 14 -54.54 -6.36 -2.04
CA LEU B 14 -53.22 -5.84 -2.34
C LEU B 14 -53.30 -4.45 -2.95
N ASP B 15 -54.24 -4.24 -3.89
CA ASP B 15 -54.40 -2.94 -4.51
C ASP B 15 -54.80 -1.88 -3.49
N GLN B 16 -55.70 -2.23 -2.57
CA GLN B 16 -56.13 -1.28 -1.54
C GLN B 16 -54.97 -0.92 -0.61
N LEU B 17 -54.16 -1.91 -0.23
CA LEU B 17 -53.07 -1.65 0.70
C LEU B 17 -52.01 -0.75 0.09
N ARG B 18 -51.64 -1.00 -1.17
CA ARG B 18 -50.61 -0.17 -1.79
C ARG B 18 -51.10 1.26 -2.04
N GLN B 19 -52.43 1.47 -2.09
CA GLN B 19 -52.95 2.82 -2.14
C GLN B 19 -52.82 3.51 -0.79
N GLU B 20 -52.97 2.75 0.30
CA GLU B 20 -52.81 3.33 1.63
C GLU B 20 -51.37 3.75 1.88
N ALA B 21 -50.40 3.02 1.31
CA ALA B 21 -49.01 3.42 1.44
C ALA B 21 -48.75 4.77 0.79
N GLU B 22 -49.35 5.00 -0.37
CA GLU B 22 -49.21 6.29 -1.04
C GLU B 22 -49.82 7.41 -0.21
N GLN B 23 -50.96 7.15 0.43
CA GLN B 23 -51.55 8.15 1.31
C GLN B 23 -50.64 8.44 2.50
N LEU B 24 -50.01 7.40 3.05
CA LEU B 24 -49.09 7.61 4.16
C LEU B 24 -47.86 8.39 3.72
N LYS B 25 -47.35 8.10 2.52
CA LYS B 25 -46.20 8.85 2.01
C LYS B 25 -46.55 10.31 1.81
N ASN B 26 -47.74 10.60 1.30
CA ASN B 26 -48.18 11.99 1.17
C ASN B 26 -48.35 12.63 2.55
N GLN B 27 -48.82 11.86 3.53
CA GLN B 27 -48.96 12.40 4.88
C GLN B 27 -47.61 12.80 5.46
N ILE B 28 -46.59 11.97 5.26
CA ILE B 28 -45.25 12.31 5.75
C ILE B 28 -44.70 13.51 4.99
N ARG B 29 -44.88 13.53 3.67
CA ARG B 29 -44.37 14.64 2.87
C ARG B 29 -45.03 15.95 3.27
N ASP B 30 -46.34 15.92 3.53
CA ASP B 30 -47.01 17.13 4.02
C ASP B 30 -46.52 17.50 5.41
N ALA B 31 -46.27 16.50 6.26
CA ALA B 31 -45.78 16.77 7.61
C ALA B 31 -44.41 17.43 7.59
N ARG B 32 -43.52 16.94 6.71
CA ARG B 32 -42.20 17.57 6.59
C ARG B 32 -42.31 18.97 6.02
N LYS B 33 -43.19 19.18 5.05
CA LYS B 33 -43.36 20.51 4.48
C LYS B 33 -43.93 21.48 5.50
N ALA B 34 -44.73 20.98 6.45
CA ALA B 34 -45.31 21.85 7.46
C ALA B 34 -44.23 22.46 8.35
N CYS B 35 -43.23 21.68 8.72
CA CYS B 35 -42.16 22.14 9.59
C CYS B 35 -41.00 22.75 8.82
N ALA B 36 -41.09 22.85 7.50
CA ALA B 36 -40.05 23.48 6.68
C ALA B 36 -40.30 24.99 6.60
N ASP B 37 -40.36 25.63 7.77
CA ASP B 37 -40.65 27.05 7.84
C ASP B 37 -39.53 27.87 7.20
N ALA B 38 -38.28 27.51 7.46
CA ALA B 38 -37.13 28.24 6.95
C ALA B 38 -36.14 27.29 6.30
N THR B 39 -35.06 27.85 5.75
CA THR B 39 -33.99 27.09 5.15
C THR B 39 -32.71 27.32 5.95
N LEU B 40 -31.88 26.26 6.03
CA LEU B 40 -30.58 26.41 6.68
C LEU B 40 -29.74 27.49 6.01
N SER B 41 -29.87 27.65 4.69
CA SER B 41 -29.15 28.69 3.99
C SER B 41 -29.56 30.08 4.48
N GLN B 42 -30.87 30.29 4.68
CA GLN B 42 -31.32 31.57 5.21
C GLN B 42 -30.84 31.78 6.63
N ILE B 43 -30.83 30.73 7.44
CA ILE B 43 -30.43 30.86 8.84
C ILE B 43 -28.97 31.26 8.96
N THR B 44 -28.10 30.64 8.14
CA THR B 44 -26.67 30.84 8.25
C THR B 44 -26.14 31.88 7.26
N ASN B 45 -27.01 32.72 6.71
CA ASN B 45 -26.55 33.74 5.78
C ASN B 45 -25.73 34.80 6.50
N ASN B 46 -26.12 35.15 7.72
CA ASN B 46 -25.47 36.24 8.43
C ASN B 46 -24.06 35.87 8.90
N ILE B 47 -23.83 34.61 9.25
CA ILE B 47 -22.54 34.23 9.81
C ILE B 47 -21.44 34.38 8.77
N ASP B 48 -20.24 34.69 9.24
CA ASP B 48 -19.12 34.89 8.34
C ASP B 48 -18.63 33.56 7.78
N PRO B 49 -18.08 33.56 6.57
CA PRO B 49 -17.56 32.32 6.00
C PRO B 49 -16.29 31.87 6.71
N VAL B 50 -15.98 30.58 6.55
CA VAL B 50 -14.77 30.03 7.14
C VAL B 50 -13.51 30.48 6.42
N GLY B 51 -13.64 31.18 5.30
CA GLY B 51 -12.48 31.58 4.54
C GLY B 51 -11.95 30.42 3.71
N ARG B 52 -10.69 30.54 3.31
CA ARG B 52 -10.02 29.49 2.56
C ARG B 52 -9.35 28.53 3.53
N ILE B 53 -9.63 27.24 3.39
CA ILE B 53 -9.04 26.21 4.24
C ILE B 53 -7.85 25.62 3.48
N GLN B 54 -6.66 25.86 3.99
CA GLN B 54 -5.43 25.35 3.38
C GLN B 54 -4.85 24.28 4.30
N MET B 55 -4.72 23.06 3.78
CA MET B 55 -4.15 21.96 4.52
C MET B 55 -2.97 21.39 3.73
N ARG B 56 -1.89 21.08 4.43
CA ARG B 56 -0.71 20.50 3.83
C ARG B 56 -0.58 19.04 4.21
N THR B 57 0.08 18.27 3.35
CA THR B 57 0.34 16.86 3.64
C THR B 57 1.49 16.80 4.65
N ARG B 58 1.14 16.53 5.90
CA ARG B 58 2.17 16.36 6.93
C ARG B 58 2.85 15.01 6.84
N ARG B 59 2.09 13.96 6.56
CA ARG B 59 2.61 12.60 6.49
C ARG B 59 2.09 11.91 5.25
N THR B 60 2.91 11.03 4.69
CA THR B 60 2.50 10.09 3.65
C THR B 60 2.81 8.69 4.13
N LEU B 61 1.79 7.86 4.22
CA LEU B 61 1.92 6.48 4.68
C LEU B 61 2.06 5.57 3.47
N ARG B 62 3.26 5.00 3.30
CA ARG B 62 3.60 4.14 2.19
C ARG B 62 3.80 2.71 2.66
N GLY B 63 3.46 1.76 1.81
CA GLY B 63 3.60 0.36 2.15
C GLY B 63 2.49 -0.53 1.62
N HIS B 64 1.29 0.02 1.49
CA HIS B 64 0.25 -0.69 0.75
C HIS B 64 0.62 -0.77 -0.72
N LEU B 65 0.44 -1.96 -1.31
CA LEU B 65 0.82 -2.22 -2.68
C LEU B 65 -0.38 -2.40 -3.61
N ALA B 66 -1.57 -1.98 -3.16
CA ALA B 66 -2.77 -2.07 -3.98
C ALA B 66 -3.71 -0.95 -3.57
N LYS B 67 -4.91 -0.94 -4.16
CA LYS B 67 -5.91 0.06 -3.83
C LYS B 67 -6.26 0.01 -2.35
N ILE B 68 -6.18 1.16 -1.69
CA ILE B 68 -6.69 1.29 -0.33
C ILE B 68 -8.20 1.53 -0.40
N TYR B 69 -8.96 0.73 0.35
CA TYR B 69 -10.41 0.81 0.31
C TYR B 69 -11.03 1.40 1.57
N ALA B 70 -10.33 1.36 2.70
CA ALA B 70 -10.90 1.85 3.95
C ALA B 70 -9.78 2.22 4.90
N MET B 71 -10.10 3.15 5.80
CA MET B 71 -9.22 3.50 6.90
C MET B 71 -10.09 3.89 8.09
N HIS B 72 -9.53 3.74 9.28
CA HIS B 72 -10.24 4.17 10.48
C HIS B 72 -9.24 4.58 11.55
N TRP B 73 -9.42 5.78 12.10
CA TRP B 73 -8.61 6.25 13.20
C TRP B 73 -8.93 5.50 14.49
N GLY B 74 -7.91 5.28 15.31
CA GLY B 74 -8.13 4.91 16.68
C GLY B 74 -8.54 6.10 17.52
N THR B 75 -9.07 5.82 18.71
CA THR B 75 -9.61 6.89 19.53
C THR B 75 -8.53 7.75 20.16
N ASP B 76 -7.28 7.29 20.16
CA ASP B 76 -6.17 8.09 20.68
C ASP B 76 -5.69 9.13 19.68
N SER B 77 -6.29 9.19 18.50
CA SER B 77 -5.97 10.17 17.46
C SER B 77 -4.54 10.04 16.95
N ARG B 78 -3.90 8.91 17.24
CA ARG B 78 -2.53 8.65 16.80
C ARG B 78 -2.41 7.38 15.98
N LEU B 79 -3.10 6.31 16.37
CA LEU B 79 -3.08 5.07 15.62
C LEU B 79 -4.24 5.02 14.64
N LEU B 80 -4.00 4.46 13.46
CA LEU B 80 -5.04 4.24 12.48
C LEU B 80 -4.82 2.91 11.80
N VAL B 81 -5.91 2.33 11.31
CA VAL B 81 -5.87 1.08 10.57
C VAL B 81 -6.35 1.35 9.16
N SER B 82 -5.64 0.80 8.18
CA SER B 82 -6.03 0.93 6.79
C SER B 82 -6.10 -0.45 6.16
N ALA B 83 -7.02 -0.60 5.21
CA ALA B 83 -7.22 -1.86 4.50
C ALA B 83 -6.94 -1.65 3.02
N SER B 84 -6.20 -2.59 2.44
CA SER B 84 -5.89 -2.57 1.02
C SER B 84 -6.16 -3.96 0.45
N GLN B 85 -6.34 -4.02 -0.86
CA GLN B 85 -6.58 -5.28 -1.54
C GLN B 85 -5.29 -5.97 -1.96
N ASP B 86 -4.17 -5.63 -1.32
CA ASP B 86 -3.00 -6.49 -1.30
C ASP B 86 -3.09 -7.55 -0.20
N GLY B 87 -4.25 -7.68 0.42
CA GLY B 87 -4.45 -8.64 1.50
C GLY B 87 -3.76 -8.28 2.80
N LYS B 88 -3.57 -6.99 3.06
CA LYS B 88 -2.85 -6.53 4.24
C LYS B 88 -3.68 -5.51 4.99
N LEU B 89 -3.89 -5.76 6.28
CA LEU B 89 -4.35 -4.76 7.22
C LEU B 89 -3.13 -4.19 7.91
N ILE B 90 -2.95 -2.87 7.85
CA ILE B 90 -1.80 -2.21 8.46
C ILE B 90 -2.29 -1.22 9.49
N ILE B 91 -1.66 -1.24 10.67
CA ILE B 91 -1.89 -0.26 11.73
C ILE B 91 -0.69 0.67 11.77
N TRP B 92 -0.93 1.96 11.64
CA TRP B 92 0.11 2.96 11.52
C TRP B 92 0.21 3.80 12.78
N ASP B 93 1.43 4.14 13.16
CA ASP B 93 1.69 5.21 14.12
C ASP B 93 1.82 6.50 13.30
N SER B 94 0.76 7.31 13.32
CA SER B 94 0.71 8.47 12.43
C SER B 94 1.74 9.53 12.80
N TYR B 95 2.13 9.61 14.06
CA TYR B 95 3.09 10.64 14.46
C TYR B 95 4.48 10.38 13.85
N THR B 96 4.88 9.11 13.81
CA THR B 96 6.21 8.74 13.34
C THR B 96 6.20 8.05 11.99
N THR B 97 5.02 7.77 11.44
CA THR B 97 4.80 6.93 10.25
C THR B 97 5.28 5.50 10.44
N ASN B 98 5.58 5.10 11.67
CA ASN B 98 5.96 3.72 11.94
C ASN B 98 4.77 2.79 11.74
N LYS B 99 5.05 1.61 11.20
CA LYS B 99 4.04 0.56 11.10
C LYS B 99 4.03 -0.23 12.41
N VAL B 100 2.90 -0.20 13.11
CA VAL B 100 2.79 -0.90 14.37
C VAL B 100 2.48 -2.37 14.16
N HIS B 101 1.57 -2.68 13.22
CA HIS B 101 1.21 -4.04 12.89
C HIS B 101 0.98 -4.14 11.39
N ALA B 102 1.10 -5.37 10.87
CA ALA B 102 0.70 -5.69 9.52
C ALA B 102 -0.05 -7.02 9.55
N ILE B 103 -1.37 -6.95 9.36
CA ILE B 103 -2.25 -8.12 9.52
C ILE B 103 -2.53 -8.69 8.13
N PRO B 104 -2.07 -9.90 7.83
CA PRO B 104 -2.43 -10.52 6.54
C PRO B 104 -3.87 -11.01 6.56
N LEU B 105 -4.63 -10.60 5.57
CA LEU B 105 -6.05 -10.96 5.48
C LEU B 105 -6.22 -12.27 4.73
N ARG B 106 -7.13 -13.11 5.23
CA ARG B 106 -7.45 -14.36 4.54
C ARG B 106 -8.09 -14.10 3.18
N SER B 107 -8.98 -13.11 3.10
CA SER B 107 -9.57 -12.69 1.85
C SER B 107 -9.10 -11.28 1.52
N SER B 108 -8.53 -11.11 0.33
CA SER B 108 -7.95 -9.83 -0.04
C SER B 108 -8.98 -8.82 -0.53
N TRP B 109 -10.22 -9.23 -0.71
CA TRP B 109 -11.23 -8.35 -1.31
C TRP B 109 -11.92 -7.53 -0.24
N VAL B 110 -11.12 -6.87 0.59
CA VAL B 110 -11.62 -6.12 1.73
C VAL B 110 -12.22 -4.81 1.26
N MET B 111 -13.33 -4.41 1.88
CA MET B 111 -14.01 -3.17 1.54
C MET B 111 -14.14 -2.21 2.71
N THR B 112 -14.03 -2.68 3.94
CA THR B 112 -14.22 -1.85 5.12
C THR B 112 -13.24 -2.29 6.20
N CYS B 113 -12.95 -1.38 7.12
CA CYS B 113 -12.16 -1.70 8.30
C CYS B 113 -12.60 -0.79 9.44
N ALA B 114 -12.49 -1.30 10.66
CA ALA B 114 -12.87 -0.54 11.84
C ALA B 114 -11.87 -0.74 12.97
N TYR B 115 -11.61 0.33 13.70
CA TYR B 115 -10.78 0.31 14.90
C TYR B 115 -11.68 0.39 16.13
N ALA B 116 -11.53 -0.57 17.04
CA ALA B 116 -12.35 -0.54 18.25
C ALA B 116 -12.01 0.67 19.10
N PRO B 117 -13.00 1.28 19.76
CA PRO B 117 -12.70 2.43 20.62
C PRO B 117 -11.76 2.10 21.77
N SER B 118 -11.74 0.85 22.23
CA SER B 118 -10.78 0.45 23.26
C SER B 118 -9.38 0.31 22.72
N GLY B 119 -9.22 0.09 21.41
CA GLY B 119 -7.93 -0.11 20.82
C GLY B 119 -7.44 -1.54 20.84
N ASN B 120 -8.22 -2.47 21.38
CA ASN B 120 -7.80 -3.86 21.49
C ASN B 120 -8.16 -4.70 20.28
N TYR B 121 -9.03 -4.21 19.40
CA TYR B 121 -9.51 -5.00 18.29
C TYR B 121 -9.60 -4.12 17.05
N VAL B 122 -9.45 -4.77 15.88
CA VAL B 122 -9.78 -4.18 14.60
C VAL B 122 -10.63 -5.18 13.85
N ALA B 123 -11.45 -4.66 12.93
CA ALA B 123 -12.36 -5.48 12.15
C ALA B 123 -12.25 -5.12 10.69
N CYS B 124 -12.53 -6.08 9.82
CA CYS B 124 -12.52 -5.83 8.39
C CYS B 124 -13.36 -6.91 7.71
N GLY B 125 -13.70 -6.65 6.46
CA GLY B 125 -14.44 -7.61 5.68
C GLY B 125 -14.88 -7.03 4.35
N GLY B 126 -15.09 -7.91 3.37
CA GLY B 126 -15.47 -7.47 2.05
C GLY B 126 -16.38 -8.42 1.31
N LEU B 127 -15.97 -8.76 0.09
CA LEU B 127 -16.69 -9.67 -0.78
C LEU B 127 -16.75 -11.09 -0.25
N ASP B 128 -16.03 -11.41 0.83
CA ASP B 128 -16.10 -12.73 1.43
C ASP B 128 -17.30 -12.90 2.36
N ASN B 129 -18.10 -11.85 2.54
CA ASN B 129 -19.33 -11.89 3.33
C ASN B 129 -19.07 -12.15 4.82
N ILE B 130 -17.86 -11.85 5.29
CA ILE B 130 -17.44 -12.16 6.65
C ILE B 130 -16.91 -10.89 7.28
N CYS B 131 -17.27 -10.65 8.54
CA CYS B 131 -16.63 -9.61 9.35
C CYS B 131 -15.68 -10.30 10.32
N SER B 132 -14.38 -10.09 10.10
CA SER B 132 -13.34 -10.74 10.89
C SER B 132 -12.86 -9.81 11.99
N ILE B 133 -12.80 -10.32 13.22
CA ILE B 133 -12.33 -9.56 14.36
C ILE B 133 -10.91 -10.02 14.69
N TYR B 134 -10.01 -9.05 14.83
CA TYR B 134 -8.60 -9.33 15.11
C TYR B 134 -8.23 -8.78 16.48
N ASN B 135 -7.60 -9.61 17.31
CA ASN B 135 -7.17 -9.20 18.63
C ASN B 135 -5.77 -8.62 18.54
N LEU B 136 -5.62 -7.35 18.96
CA LEU B 136 -4.33 -6.67 18.89
C LEU B 136 -3.50 -6.85 20.15
N LYS B 137 -4.13 -7.22 21.27
CA LYS B 137 -3.46 -7.34 22.56
C LYS B 137 -3.54 -8.80 22.99
N THR B 138 -2.58 -9.60 22.56
CA THR B 138 -2.49 -11.01 22.93
C THR B 138 -1.19 -11.25 23.67
N ARG B 139 -1.21 -12.23 24.58
CA ARG B 139 0.01 -12.62 25.27
C ARG B 139 1.04 -13.25 24.33
N GLU B 140 0.62 -13.71 23.16
CA GLU B 140 1.54 -14.34 22.23
C GLU B 140 2.32 -13.32 21.40
N GLY B 141 1.92 -12.05 21.43
CA GLY B 141 2.65 -11.01 20.75
C GLY B 141 2.32 -10.82 19.29
N ASN B 142 1.32 -11.54 18.77
CA ASN B 142 0.93 -11.39 17.38
C ASN B 142 -0.57 -11.12 17.32
N VAL B 143 -1.00 -10.53 16.21
CA VAL B 143 -2.42 -10.33 15.96
C VAL B 143 -3.02 -11.60 15.40
N ARG B 144 -4.11 -12.06 16.00
CA ARG B 144 -4.79 -13.27 15.56
C ARG B 144 -6.27 -12.96 15.35
N VAL B 145 -6.90 -13.74 14.46
CA VAL B 145 -8.34 -13.66 14.30
C VAL B 145 -9.02 -14.20 15.56
N SER B 146 -9.88 -13.39 16.15
CA SER B 146 -10.66 -13.81 17.31
C SER B 146 -12.07 -14.25 16.95
N ARG B 147 -12.67 -13.69 15.91
CA ARG B 147 -14.03 -14.03 15.51
C ARG B 147 -14.19 -13.79 14.01
N GLU B 148 -14.97 -14.65 13.36
CA GLU B 148 -15.43 -14.43 12.00
C GLU B 148 -16.95 -14.43 12.01
N LEU B 149 -17.55 -13.27 11.75
CA LEU B 149 -18.99 -13.09 11.85
C LEU B 149 -19.61 -13.45 10.51
N ALA B 150 -20.22 -14.63 10.44
CA ALA B 150 -20.90 -15.10 9.24
C ALA B 150 -22.41 -14.95 9.41
N GLY B 151 -23.10 -14.79 8.29
CA GLY B 151 -24.54 -14.58 8.32
C GLY B 151 -25.07 -13.65 7.26
N HIS B 152 -24.24 -12.70 6.81
CA HIS B 152 -24.61 -11.89 5.67
C HIS B 152 -24.51 -12.67 4.38
N THR B 153 -25.47 -12.45 3.47
CA THR B 153 -25.48 -13.09 2.16
C THR B 153 -24.98 -12.17 1.06
N GLY B 154 -24.42 -11.02 1.42
CA GLY B 154 -23.80 -10.12 0.46
C GLY B 154 -22.49 -9.59 1.01
N TYR B 155 -21.82 -8.79 0.19
CA TYR B 155 -20.53 -8.25 0.60
C TYR B 155 -20.68 -7.32 1.79
N LEU B 156 -19.64 -7.27 2.62
CA LEU B 156 -19.62 -6.37 3.76
C LEU B 156 -19.14 -5.00 3.31
N SER B 157 -19.98 -3.99 3.49
CA SER B 157 -19.67 -2.64 3.02
C SER B 157 -19.15 -1.73 4.11
N CYS B 158 -19.61 -1.90 5.36
CA CYS B 158 -19.14 -1.06 6.45
C CYS B 158 -19.31 -1.81 7.77
N CYS B 159 -18.49 -1.45 8.73
CA CYS B 159 -18.55 -2.03 10.07
C CYS B 159 -18.06 -1.00 11.07
N ARG B 160 -18.68 -0.97 12.25
CA ARG B 160 -18.29 -0.05 13.31
C ARG B 160 -18.49 -0.72 14.65
N PHE B 161 -17.46 -0.67 15.50
CA PHE B 161 -17.58 -1.19 16.86
C PHE B 161 -18.44 -0.27 17.72
N LEU B 162 -19.31 -0.87 18.53
CA LEU B 162 -19.92 -0.15 19.64
C LEU B 162 -19.09 -0.27 20.90
N ASP B 163 -18.55 -1.46 21.14
CA ASP B 163 -17.63 -1.74 22.24
C ASP B 163 -16.83 -2.98 21.85
N ASP B 164 -16.13 -3.57 22.82
CA ASP B 164 -15.32 -4.74 22.51
C ASP B 164 -16.17 -5.97 22.21
N ASN B 165 -17.47 -5.96 22.54
CA ASN B 165 -18.30 -7.12 22.34
C ASN B 165 -19.39 -6.94 21.29
N GLN B 166 -19.68 -5.71 20.88
CA GLN B 166 -20.74 -5.44 19.90
C GLN B 166 -20.17 -4.71 18.70
N ILE B 167 -20.63 -5.08 17.52
CA ILE B 167 -20.27 -4.41 16.28
C ILE B 167 -21.48 -4.42 15.35
N VAL B 168 -21.65 -3.35 14.58
CA VAL B 168 -22.73 -3.25 13.59
C VAL B 168 -22.10 -3.35 12.22
N THR B 169 -22.68 -4.19 11.36
CA THR B 169 -22.22 -4.37 10.00
C THR B 169 -23.36 -4.06 9.03
N SER B 170 -23.02 -3.43 7.91
CA SER B 170 -23.93 -3.26 6.79
C SER B 170 -23.44 -4.09 5.62
N SER B 171 -24.37 -4.67 4.87
CA SER B 171 -24.04 -5.60 3.80
C SER B 171 -24.75 -5.20 2.52
N GLY B 172 -24.32 -5.82 1.43
CA GLY B 172 -24.94 -5.71 0.13
C GLY B 172 -26.18 -6.56 -0.05
N ASP B 173 -26.56 -7.35 0.95
CA ASP B 173 -27.81 -8.09 0.93
C ASP B 173 -28.99 -7.27 1.45
N THR B 174 -28.86 -5.94 1.46
CA THR B 174 -29.90 -4.96 1.79
C THR B 174 -30.20 -4.90 3.28
N THR B 175 -29.41 -5.55 4.13
CA THR B 175 -29.67 -5.59 5.55
C THR B 175 -28.45 -5.13 6.33
N CYS B 176 -28.69 -4.56 7.50
CA CYS B 176 -27.67 -4.30 8.50
C CYS B 176 -27.87 -5.25 9.68
N ALA B 177 -26.80 -5.56 10.39
CA ALA B 177 -26.88 -6.47 11.52
C ALA B 177 -26.09 -5.93 12.70
N LEU B 178 -26.62 -6.21 13.90
CA LEU B 178 -25.91 -5.99 15.15
C LEU B 178 -25.43 -7.34 15.68
N TRP B 179 -24.14 -7.43 15.99
CA TRP B 179 -23.51 -8.69 16.33
C TRP B 179 -23.07 -8.71 17.79
N ASP B 180 -23.20 -9.87 18.42
CA ASP B 180 -22.54 -10.16 19.69
C ASP B 180 -21.25 -10.89 19.37
N ILE B 181 -20.12 -10.22 19.58
CA ILE B 181 -18.84 -10.77 19.13
C ILE B 181 -18.48 -12.03 19.90
N GLU B 182 -18.79 -12.06 21.20
CA GLU B 182 -18.40 -13.21 22.01
C GLU B 182 -19.11 -14.48 21.57
N THR B 183 -20.40 -14.39 21.25
CA THR B 183 -21.15 -15.55 20.78
C THR B 183 -21.11 -15.72 19.27
N GLY B 184 -20.68 -14.69 18.53
CA GLY B 184 -20.59 -14.80 17.08
C GLY B 184 -21.91 -14.76 16.36
N GLN B 185 -22.99 -14.40 17.05
CA GLN B 185 -24.33 -14.39 16.47
C GLN B 185 -24.83 -12.96 16.37
N GLN B 186 -25.62 -12.70 15.33
CA GLN B 186 -26.23 -11.39 15.15
C GLN B 186 -27.49 -11.30 15.99
N THR B 187 -27.45 -10.44 17.02
CA THR B 187 -28.58 -10.33 17.93
C THR B 187 -29.76 -9.64 17.26
N THR B 188 -29.49 -8.62 16.44
CA THR B 188 -30.52 -7.85 15.77
C THR B 188 -30.22 -7.76 14.29
N THR B 189 -31.25 -7.86 13.46
CA THR B 189 -31.15 -7.67 12.02
C THR B 189 -31.98 -6.48 11.62
N PHE B 190 -31.40 -5.55 10.88
CA PHE B 190 -32.06 -4.32 10.47
C PHE B 190 -32.42 -4.44 8.99
N THR B 191 -33.71 -4.64 8.71
CA THR B 191 -34.21 -4.82 7.35
C THR B 191 -35.10 -3.65 6.96
N GLY B 192 -35.19 -3.39 5.66
CA GLY B 192 -36.03 -2.34 5.15
C GLY B 192 -35.48 -1.63 3.94
N HIS B 193 -34.16 -1.71 3.75
CA HIS B 193 -33.57 -1.17 2.52
C HIS B 193 -33.86 -2.09 1.35
N THR B 194 -34.18 -1.50 0.20
CA THR B 194 -34.45 -2.26 -1.00
C THR B 194 -33.23 -2.37 -1.91
N GLY B 195 -32.10 -1.79 -1.51
CA GLY B 195 -30.86 -1.91 -2.26
C GLY B 195 -29.70 -2.25 -1.33
N ASP B 196 -28.53 -2.39 -1.95
CA ASP B 196 -27.33 -2.71 -1.20
C ASP B 196 -26.96 -1.58 -0.26
N VAL B 197 -26.85 -1.88 1.04
CA VAL B 197 -26.42 -0.90 2.02
C VAL B 197 -24.90 -0.74 1.89
N MET B 198 -24.46 0.49 1.63
CA MET B 198 -23.06 0.74 1.32
C MET B 198 -22.26 1.29 2.49
N SER B 199 -22.91 1.89 3.48
CA SER B 199 -22.19 2.54 4.57
C SER B 199 -23.09 2.61 5.79
N LEU B 200 -22.47 2.83 6.95
CA LEU B 200 -23.19 3.13 8.18
C LEU B 200 -22.35 4.07 9.03
N SER B 201 -23.02 4.83 9.88
CA SER B 201 -22.36 5.70 10.83
C SER B 201 -23.05 5.55 12.18
N LEU B 202 -22.24 5.47 13.24
CA LEU B 202 -22.76 5.37 14.59
C LEU B 202 -22.97 6.75 15.20
N ALA B 203 -24.06 6.90 15.95
CA ALA B 203 -24.26 8.11 16.72
C ALA B 203 -23.26 8.17 17.87
N PRO B 204 -22.91 9.37 18.33
CA PRO B 204 -21.88 9.47 19.39
C PRO B 204 -22.23 8.70 20.66
N ASP B 205 -23.52 8.59 21.00
CA ASP B 205 -23.95 7.81 22.15
C ASP B 205 -24.16 6.34 21.82
N THR B 206 -23.99 5.95 20.56
CA THR B 206 -24.10 4.56 20.11
C THR B 206 -25.46 3.96 20.42
N ARG B 207 -26.50 4.80 20.49
CA ARG B 207 -27.87 4.30 20.60
C ARG B 207 -28.60 4.26 19.26
N LEU B 208 -28.11 4.99 18.27
CA LEU B 208 -28.70 5.03 16.94
C LEU B 208 -27.59 4.89 15.92
N PHE B 209 -27.96 4.49 14.70
CA PHE B 209 -27.04 4.55 13.58
C PHE B 209 -27.82 4.76 12.30
N VAL B 210 -27.21 5.49 11.38
CA VAL B 210 -27.78 5.74 10.05
C VAL B 210 -27.06 4.88 9.04
N SER B 211 -27.78 4.44 8.02
CA SER B 211 -27.20 3.67 6.92
C SER B 211 -27.70 4.21 5.60
N GLY B 212 -26.82 4.24 4.61
CA GLY B 212 -27.15 4.64 3.26
C GLY B 212 -27.02 3.46 2.31
N ALA B 213 -28.03 3.30 1.45
CA ALA B 213 -28.11 2.17 0.55
C ALA B 213 -28.11 2.64 -0.90
N CYS B 214 -28.23 1.68 -1.81
CA CYS B 214 -28.30 1.96 -3.24
C CYS B 214 -29.71 2.29 -3.72
N ASP B 215 -30.70 2.26 -2.83
CA ASP B 215 -32.03 2.79 -3.13
C ASP B 215 -32.11 4.30 -2.91
N ALA B 216 -30.97 4.98 -2.81
CA ALA B 216 -30.90 6.44 -2.69
C ALA B 216 -31.61 6.94 -1.44
N SER B 217 -31.66 6.12 -0.39
CA SER B 217 -32.36 6.48 0.83
C SER B 217 -31.47 6.20 2.04
N ALA B 218 -31.67 6.99 3.08
CA ALA B 218 -30.96 6.84 4.34
C ALA B 218 -31.96 6.53 5.44
N LYS B 219 -31.73 5.46 6.19
CA LYS B 219 -32.63 5.04 7.25
C LYS B 219 -31.95 5.20 8.60
N LEU B 220 -32.72 5.69 9.57
CA LEU B 220 -32.26 5.84 10.95
C LEU B 220 -32.77 4.67 11.77
N TRP B 221 -31.85 3.93 12.39
CA TRP B 221 -32.17 2.71 13.11
C TRP B 221 -31.93 2.89 14.60
N ASP B 222 -32.81 2.30 15.40
CA ASP B 222 -32.60 2.22 16.84
C ASP B 222 -31.86 0.92 17.14
N VAL B 223 -30.70 1.03 17.80
CA VAL B 223 -29.88 -0.15 18.04
C VAL B 223 -30.59 -1.11 18.99
N ARG B 224 -31.10 -0.59 20.11
CA ARG B 224 -31.71 -1.44 21.13
C ARG B 224 -33.06 -1.97 20.66
N GLU B 225 -33.90 -1.11 20.09
CA GLU B 225 -35.23 -1.54 19.68
C GLU B 225 -35.18 -2.39 18.42
N GLY B 226 -34.29 -2.06 17.49
CA GLY B 226 -34.07 -2.87 16.32
C GLY B 226 -34.97 -2.59 15.14
N MET B 227 -35.63 -1.44 15.11
CA MET B 227 -36.50 -1.06 14.01
C MET B 227 -36.03 0.25 13.38
N CYS B 228 -36.53 0.53 12.20
CA CYS B 228 -36.21 1.78 11.50
C CYS B 228 -37.10 2.88 12.06
N ARG B 229 -36.46 3.94 12.57
CA ARG B 229 -37.22 5.07 13.10
C ARG B 229 -37.63 6.04 12.01
N GLN B 230 -36.69 6.43 11.14
CA GLN B 230 -36.97 7.41 10.10
C GLN B 230 -36.25 7.00 8.82
N THR B 231 -36.83 7.44 7.69
CA THR B 231 -36.25 7.22 6.37
C THR B 231 -36.03 8.56 5.70
N PHE B 232 -34.84 8.77 5.16
CA PHE B 232 -34.46 10.03 4.53
C PHE B 232 -34.20 9.80 3.05
N THR B 233 -34.94 10.50 2.20
CA THR B 233 -34.76 10.44 0.76
C THR B 233 -34.42 11.82 0.21
N GLY B 234 -34.06 11.85 -1.06
CA GLY B 234 -33.66 13.09 -1.71
C GLY B 234 -32.50 12.94 -2.67
N HIS B 235 -31.67 11.92 -2.45
CA HIS B 235 -30.62 11.59 -3.40
C HIS B 235 -31.21 10.95 -4.65
N GLU B 236 -30.50 11.09 -5.77
CA GLU B 236 -30.93 10.53 -7.04
C GLU B 236 -30.18 9.28 -7.45
N SER B 237 -29.15 8.88 -6.71
CA SER B 237 -28.38 7.68 -7.04
C SER B 237 -27.94 7.00 -5.76
N ASP B 238 -27.17 5.93 -5.91
CA ASP B 238 -26.74 5.13 -4.77
C ASP B 238 -25.96 5.98 -3.77
N ILE B 239 -26.26 5.80 -2.50
CA ILE B 239 -25.49 6.44 -1.43
C ILE B 239 -24.28 5.58 -1.11
N ASN B 240 -23.09 6.20 -1.13
CA ASN B 240 -21.85 5.49 -0.87
C ASN B 240 -21.25 5.79 0.49
N ALA B 241 -21.60 6.91 1.11
CA ALA B 241 -20.96 7.37 2.34
C ALA B 241 -21.98 8.05 3.22
N ILE B 242 -21.73 8.00 4.53
CA ILE B 242 -22.65 8.59 5.51
C ILE B 242 -21.85 8.89 6.77
N CYS B 243 -22.21 9.98 7.44
CA CYS B 243 -21.47 10.41 8.62
C CYS B 243 -22.37 11.24 9.53
N PHE B 244 -22.39 10.89 10.82
CA PHE B 244 -23.17 11.64 11.80
C PHE B 244 -22.54 12.99 12.09
N PHE B 245 -23.39 13.98 12.33
CA PHE B 245 -22.94 15.26 12.85
C PHE B 245 -22.42 15.07 14.28
N PRO B 246 -21.42 15.85 14.70
CA PRO B 246 -20.78 15.59 16.00
C PRO B 246 -21.72 15.61 17.20
N ASN B 247 -22.83 16.34 17.13
CA ASN B 247 -23.77 16.33 18.25
C ASN B 247 -24.83 15.23 18.14
N GLY B 248 -24.84 14.49 17.03
CA GLY B 248 -25.76 13.37 16.86
C GLY B 248 -27.14 13.74 16.38
N ASN B 249 -27.42 15.02 16.13
CA ASN B 249 -28.74 15.45 15.70
C ASN B 249 -28.87 15.59 14.20
N ALA B 250 -27.83 15.26 13.43
CA ALA B 250 -27.87 15.36 11.98
C ALA B 250 -26.87 14.38 11.40
N PHE B 251 -26.98 14.16 10.09
CA PHE B 251 -26.00 13.35 9.39
C PHE B 251 -25.89 13.83 7.95
N ALA B 252 -24.75 13.56 7.34
CA ALA B 252 -24.48 13.91 5.95
C ALA B 252 -24.25 12.64 5.15
N THR B 253 -24.68 12.65 3.90
CA THR B 253 -24.54 11.51 3.01
C THR B 253 -23.77 11.93 1.75
N GLY B 254 -23.18 10.94 1.09
CA GLY B 254 -22.57 11.16 -0.21
C GLY B 254 -23.02 10.10 -1.19
N SER B 255 -23.41 10.52 -2.38
CA SER B 255 -23.97 9.62 -3.38
C SER B 255 -23.17 9.69 -4.68
N ASP B 256 -23.58 8.86 -5.64
CA ASP B 256 -23.00 8.86 -6.97
C ASP B 256 -23.48 10.01 -7.83
N ASP B 257 -24.45 10.79 -7.38
CA ASP B 257 -24.96 11.92 -8.14
C ASP B 257 -24.14 13.19 -7.91
N ALA B 258 -22.92 13.06 -7.38
CA ALA B 258 -22.00 14.19 -7.20
C ALA B 258 -22.54 15.22 -6.23
N THR B 259 -23.38 14.80 -5.28
CA THR B 259 -23.94 15.71 -4.30
C THR B 259 -23.78 15.13 -2.90
N CYS B 260 -23.64 16.03 -1.93
CA CYS B 260 -23.72 15.70 -0.51
C CYS B 260 -24.90 16.43 0.10
N ARG B 261 -25.66 15.73 0.93
CA ARG B 261 -26.85 16.29 1.55
C ARG B 261 -26.75 16.18 3.07
N LEU B 262 -27.22 17.21 3.76
CA LEU B 262 -27.26 17.23 5.21
C LEU B 262 -28.70 17.02 5.66
N PHE B 263 -28.97 15.86 6.26
CA PHE B 263 -30.30 15.56 6.79
C PHE B 263 -30.33 15.80 8.29
N ASP B 264 -31.48 16.25 8.78
CA ASP B 264 -31.69 16.48 10.20
C ASP B 264 -32.58 15.38 10.76
N LEU B 265 -32.19 14.83 11.92
CA LEU B 265 -32.99 13.77 12.53
C LEU B 265 -34.31 14.31 13.05
N ARG B 266 -34.27 15.42 13.80
CA ARG B 266 -35.48 15.91 14.46
C ARG B 266 -36.43 16.59 13.48
N ALA B 267 -35.90 17.34 12.52
CA ALA B 267 -36.73 17.91 11.47
C ALA B 267 -37.12 16.87 10.42
N ASP B 268 -36.46 15.72 10.39
CA ASP B 268 -36.84 14.59 9.54
C ASP B 268 -36.83 14.96 8.06
N GLN B 269 -35.85 15.74 7.64
CA GLN B 269 -35.77 16.16 6.24
C GLN B 269 -34.37 16.68 5.93
N GLU B 270 -34.11 16.84 4.65
CA GLU B 270 -32.85 17.42 4.19
C GLU B 270 -32.78 18.91 4.51
N LEU B 271 -31.61 19.37 4.90
CA LEU B 271 -31.40 20.79 5.22
C LEU B 271 -30.53 21.51 4.22
N MET B 272 -29.59 20.83 3.57
CA MET B 272 -28.63 21.52 2.71
C MET B 272 -28.02 20.53 1.74
N THR B 273 -27.72 21.01 0.54
CA THR B 273 -27.07 20.22 -0.50
C THR B 273 -25.70 20.84 -0.82
N TYR B 274 -24.70 19.98 -0.95
CA TYR B 274 -23.32 20.41 -1.21
C TYR B 274 -22.92 19.85 -2.56
N SER B 275 -23.11 20.65 -3.61
CA SER B 275 -22.75 20.25 -4.96
C SER B 275 -22.24 21.45 -5.74
N HIS B 276 -21.45 21.17 -6.77
CA HIS B 276 -20.91 22.18 -7.66
C HIS B 276 -21.11 21.73 -9.09
N ASP B 277 -21.17 22.70 -10.01
CA ASP B 277 -21.40 22.37 -11.41
C ASP B 277 -20.21 21.64 -12.01
N ASN B 278 -18.99 21.98 -11.59
CA ASN B 278 -17.82 21.26 -12.08
C ASN B 278 -17.78 19.82 -11.60
N ILE B 279 -18.38 19.53 -10.45
CA ILE B 279 -18.31 18.20 -9.86
C ILE B 279 -19.36 17.32 -10.52
N ILE B 280 -18.91 16.26 -11.20
CA ILE B 280 -19.81 15.35 -11.90
C ILE B 280 -19.49 13.91 -11.53
N CYS B 281 -18.59 13.72 -10.57
CA CYS B 281 -18.14 12.39 -10.20
C CYS B 281 -18.79 11.95 -8.88
N GLY B 282 -18.76 10.65 -8.65
CA GLY B 282 -19.35 10.13 -7.43
C GLY B 282 -18.52 10.43 -6.20
N ILE B 283 -19.18 10.35 -5.05
CA ILE B 283 -18.58 10.61 -3.76
C ILE B 283 -18.37 9.28 -3.04
N THR B 284 -17.20 9.12 -2.45
CA THR B 284 -16.82 7.86 -1.80
C THR B 284 -16.84 7.92 -0.29
N SER B 285 -16.54 9.08 0.31
CA SER B 285 -16.39 9.16 1.75
C SER B 285 -16.76 10.56 2.22
N VAL B 286 -17.29 10.64 3.43
CA VAL B 286 -17.66 11.91 4.05
C VAL B 286 -17.26 11.86 5.53
N SER B 287 -16.90 13.01 6.06
CA SER B 287 -16.57 13.12 7.47
C SER B 287 -16.73 14.59 7.88
N PHE B 288 -16.85 14.80 9.19
CA PHE B 288 -16.97 16.13 9.76
C PHE B 288 -15.74 16.47 10.58
N SER B 289 -15.46 17.77 10.67
CA SER B 289 -14.46 18.26 11.61
C SER B 289 -15.03 18.18 13.03
N LYS B 290 -14.16 18.45 14.02
CA LYS B 290 -14.54 18.23 15.41
C LYS B 290 -15.73 19.11 15.80
N SER B 291 -15.73 20.37 15.37
CA SER B 291 -16.88 21.23 15.63
C SER B 291 -18.02 21.02 14.65
N GLY B 292 -17.82 20.24 13.58
CA GLY B 292 -18.85 20.03 12.60
C GLY B 292 -19.00 21.13 11.58
N ARG B 293 -18.18 22.19 11.65
CA ARG B 293 -18.31 23.30 10.72
C ARG B 293 -17.86 22.92 9.32
N LEU B 294 -16.94 21.96 9.20
CA LEU B 294 -16.42 21.54 7.90
C LEU B 294 -16.95 20.16 7.56
N LEU B 295 -17.36 19.98 6.31
CA LEU B 295 -17.73 18.69 5.78
C LEU B 295 -16.72 18.33 4.69
N LEU B 296 -15.95 17.27 4.95
CA LEU B 296 -14.93 16.82 4.01
C LEU B 296 -15.45 15.61 3.24
N ALA B 297 -15.34 15.66 1.92
CA ALA B 297 -15.87 14.61 1.07
C ALA B 297 -14.80 14.16 0.08
N GLY B 298 -14.65 12.85 -0.07
CA GLY B 298 -13.75 12.31 -1.07
C GLY B 298 -14.50 11.97 -2.36
N TYR B 299 -13.82 12.17 -3.49
CA TYR B 299 -14.46 12.14 -4.78
C TYR B 299 -13.72 11.19 -5.72
N ASP B 300 -14.40 10.82 -6.80
CA ASP B 300 -13.78 10.01 -7.85
C ASP B 300 -12.78 10.80 -8.69
N ASP B 301 -12.86 12.13 -8.70
CA ASP B 301 -11.96 12.94 -9.52
C ASP B 301 -10.62 13.19 -8.86
N PHE B 302 -10.23 12.31 -7.94
CA PHE B 302 -8.92 12.24 -7.27
C PHE B 302 -8.77 13.31 -6.20
N ASN B 303 -9.82 14.05 -5.86
CA ASN B 303 -9.71 15.18 -4.96
C ASN B 303 -10.59 14.98 -3.74
N CYS B 304 -10.28 15.75 -2.70
CA CYS B 304 -11.11 15.84 -1.51
C CYS B 304 -11.52 17.30 -1.35
N ASN B 305 -12.82 17.56 -1.37
CA ASN B 305 -13.34 18.91 -1.26
C ASN B 305 -13.80 19.17 0.17
N VAL B 306 -13.31 20.27 0.75
CA VAL B 306 -13.71 20.69 2.08
C VAL B 306 -14.86 21.68 1.92
N TRP B 307 -16.01 21.35 2.49
CA TRP B 307 -17.20 22.18 2.37
C TRP B 307 -17.45 22.91 3.68
N ASP B 308 -18.08 24.08 3.55
CA ASP B 308 -18.66 24.75 4.71
C ASP B 308 -20.00 24.10 4.99
N ALA B 309 -20.12 23.40 6.12
CA ALA B 309 -21.33 22.65 6.40
C ALA B 309 -22.54 23.58 6.53
N LEU B 310 -22.36 24.73 7.17
CA LEU B 310 -23.49 25.63 7.40
C LEU B 310 -23.87 26.39 6.13
N LYS B 311 -22.89 26.83 5.34
CA LYS B 311 -23.15 27.71 4.22
C LYS B 311 -23.03 27.05 2.86
N ALA B 312 -22.68 25.75 2.81
CA ALA B 312 -22.57 25.00 1.57
C ALA B 312 -21.58 25.64 0.59
N ASP B 313 -20.49 26.16 1.12
CA ASP B 313 -19.42 26.74 0.31
C ASP B 313 -18.22 25.81 0.31
N ARG B 314 -17.60 25.64 -0.85
CA ARG B 314 -16.38 24.84 -0.94
C ARG B 314 -15.23 25.62 -0.34
N ALA B 315 -14.81 25.23 0.87
CA ALA B 315 -13.79 25.99 1.60
C ALA B 315 -12.40 25.72 1.05
N GLY B 316 -12.12 24.51 0.60
CA GLY B 316 -10.79 24.19 0.11
C GLY B 316 -10.80 22.85 -0.59
N VAL B 317 -9.62 22.48 -1.09
CA VAL B 317 -9.43 21.24 -1.83
C VAL B 317 -8.16 20.57 -1.33
N LEU B 318 -8.23 19.27 -1.06
CA LEU B 318 -7.05 18.46 -0.78
C LEU B 318 -6.73 17.66 -2.03
N ALA B 319 -5.72 18.11 -2.77
CA ALA B 319 -5.32 17.49 -4.03
C ALA B 319 -3.92 16.91 -3.82
N GLY B 320 -3.87 15.63 -3.44
CA GLY B 320 -2.61 14.96 -3.23
C GLY B 320 -2.60 13.50 -3.64
N HIS B 321 -3.59 13.09 -4.44
CA HIS B 321 -3.69 11.70 -4.86
C HIS B 321 -3.87 11.63 -6.37
N ASP B 322 -3.35 10.54 -6.95
CA ASP B 322 -3.41 10.33 -8.39
C ASP B 322 -4.50 9.34 -8.79
N ASN B 323 -5.33 8.91 -7.85
CA ASN B 323 -6.46 8.05 -8.14
C ASN B 323 -7.61 8.42 -7.20
N ARG B 324 -8.65 7.60 -7.20
CA ARG B 324 -9.84 7.90 -6.40
C ARG B 324 -9.47 8.05 -4.93
N VAL B 325 -10.02 9.07 -4.28
CA VAL B 325 -10.05 9.13 -2.83
C VAL B 325 -11.13 8.17 -2.35
N SER B 326 -10.71 7.03 -1.80
CA SER B 326 -11.64 5.97 -1.45
C SER B 326 -12.16 6.09 -0.03
N CYS B 327 -11.46 6.79 0.84
CA CYS B 327 -11.82 6.87 2.25
C CYS B 327 -11.16 8.07 2.87
N LEU B 328 -11.75 8.57 3.95
CA LEU B 328 -11.13 9.61 4.75
C LEU B 328 -11.68 9.54 6.16
N GLY B 329 -10.97 10.18 7.08
CA GLY B 329 -11.40 10.22 8.47
C GLY B 329 -10.72 11.33 9.23
N VAL B 330 -11.42 11.86 10.21
CA VAL B 330 -10.93 12.95 11.06
C VAL B 330 -10.70 12.39 12.45
N THR B 331 -9.59 12.78 13.06
CA THR B 331 -9.25 12.28 14.38
C THR B 331 -10.29 12.72 15.41
N ASP B 332 -10.32 11.99 16.54
CA ASP B 332 -11.26 12.33 17.60
C ASP B 332 -10.96 13.69 18.21
N ASP B 333 -9.69 14.06 18.31
CA ASP B 333 -9.34 15.39 18.81
C ASP B 333 -9.45 16.47 17.74
N GLY B 334 -9.73 16.09 16.49
CA GLY B 334 -9.91 17.05 15.42
C GLY B 334 -8.63 17.61 14.87
N MET B 335 -7.48 17.03 15.20
CA MET B 335 -6.20 17.64 14.84
C MET B 335 -5.88 17.46 13.36
N ALA B 336 -6.22 16.31 12.78
CA ALA B 336 -5.81 16.02 11.43
C ALA B 336 -6.88 15.20 10.73
N VAL B 337 -6.77 15.14 9.40
CA VAL B 337 -7.64 14.31 8.57
C VAL B 337 -6.75 13.41 7.72
N ALA B 338 -7.11 12.14 7.63
CA ALA B 338 -6.41 11.18 6.80
C ALA B 338 -7.23 10.88 5.56
N THR B 339 -6.57 10.76 4.42
CA THR B 339 -7.21 10.39 3.16
C THR B 339 -6.53 9.16 2.61
N GLY B 340 -7.33 8.15 2.28
CA GLY B 340 -6.85 6.95 1.61
C GLY B 340 -7.29 6.98 0.17
N SER B 341 -6.55 6.29 -0.69
CA SER B 341 -6.78 6.42 -2.13
C SER B 341 -6.45 5.11 -2.83
N TRP B 342 -6.99 4.98 -4.05
CA TRP B 342 -6.66 3.86 -4.92
C TRP B 342 -5.22 3.88 -5.41
N ASP B 343 -4.49 4.97 -5.22
CA ASP B 343 -3.09 5.03 -5.58
C ASP B 343 -2.17 4.40 -4.53
N SER B 344 -2.76 3.77 -3.50
CA SER B 344 -2.07 2.99 -2.47
C SER B 344 -1.39 3.84 -1.42
N PHE B 345 -1.72 5.12 -1.29
CA PHE B 345 -1.08 5.98 -0.30
C PHE B 345 -2.13 6.55 0.65
N LEU B 346 -1.68 6.80 1.88
CA LEU B 346 -2.44 7.55 2.87
C LEU B 346 -1.72 8.85 3.18
N LYS B 347 -2.48 9.92 3.32
CA LYS B 347 -1.91 11.23 3.60
C LYS B 347 -2.61 11.84 4.80
N ILE B 348 -1.83 12.53 5.64
CA ILE B 348 -2.34 13.21 6.82
C ILE B 348 -2.28 14.71 6.56
N TRP B 349 -3.39 15.40 6.80
CA TRP B 349 -3.51 16.80 6.48
C TRP B 349 -3.90 17.60 7.72
N ASN B 350 -3.34 18.79 7.85
CA ASN B 350 -3.87 19.81 8.73
C ASN B 350 -3.31 21.16 8.30
N GLY B 351 -3.91 22.22 8.82
CA GLY B 351 -3.51 23.57 8.46
C GLY B 351 -2.41 24.10 9.34
N SER B 352 -1.99 25.33 9.03
CA SER B 352 -0.98 26.03 9.83
C SER B 352 -1.43 27.47 10.04
N SER B 353 -1.04 28.02 11.19
CA SER B 353 -1.38 29.40 11.51
C SER B 353 -0.66 30.38 10.60
N THR C 6 -48.45 -15.20 -2.54
CA THR C 6 -48.88 -14.28 -1.50
C THR C 6 -47.70 -13.54 -0.90
N ALA C 7 -46.62 -13.42 -1.67
CA ALA C 7 -45.45 -12.68 -1.21
C ALA C 7 -45.69 -11.17 -1.24
N SER C 8 -46.32 -10.68 -2.30
CA SER C 8 -46.55 -9.24 -2.42
C SER C 8 -47.51 -8.74 -1.35
N ILE C 9 -48.58 -9.50 -1.07
CA ILE C 9 -49.55 -9.05 -0.08
C ILE C 9 -48.94 -9.04 1.31
N ALA C 10 -48.06 -10.00 1.60
CA ALA C 10 -47.38 -10.02 2.89
C ALA C 10 -46.41 -8.85 3.03
N GLN C 11 -45.69 -8.53 1.94
CA GLN C 11 -44.79 -7.38 1.97
C GLN C 11 -45.56 -6.07 2.07
N ALA C 12 -46.73 -5.99 1.45
CA ALA C 12 -47.51 -4.76 1.48
C ALA C 12 -47.95 -4.41 2.90
N ARG C 13 -48.37 -5.41 3.67
CA ARG C 13 -48.78 -5.15 5.05
C ARG C 13 -47.63 -4.61 5.88
N LYS C 14 -46.44 -5.18 5.70
CA LYS C 14 -45.28 -4.73 6.46
C LYS C 14 -44.88 -3.31 6.09
N LEU C 15 -44.87 -3.00 4.79
CA LEU C 15 -44.50 -1.66 4.35
C LEU C 15 -45.49 -0.61 4.82
N VAL C 16 -46.79 -0.92 4.78
CA VAL C 16 -47.79 0.02 5.29
C VAL C 16 -47.62 0.22 6.79
N GLU C 17 -47.37 -0.87 7.52
CA GLU C 17 -47.22 -0.76 8.97
C GLU C 17 -46.01 0.08 9.34
N GLN C 18 -44.93 -0.05 8.57
CA GLN C 18 -43.73 0.75 8.85
C GLN C 18 -43.98 2.23 8.62
N LEU C 19 -44.70 2.58 7.55
CA LEU C 19 -44.97 3.98 7.27
C LEU C 19 -45.81 4.64 8.36
N LYS C 20 -46.63 3.84 9.06
CA LYS C 20 -47.39 4.39 10.18
C LYS C 20 -46.47 4.84 11.30
N MET C 21 -45.44 4.05 11.60
CA MET C 21 -44.52 4.42 12.68
C MET C 21 -43.74 5.68 12.34
N GLU C 22 -43.32 5.82 11.08
CA GLU C 22 -42.53 6.99 10.70
C GLU C 22 -43.39 8.25 10.64
N ALA C 23 -44.69 8.10 10.39
CA ALA C 23 -45.57 9.26 10.27
C ALA C 23 -46.04 9.79 11.62
N ASN C 24 -45.78 9.08 12.71
CA ASN C 24 -46.26 9.46 14.03
C ASN C 24 -45.18 10.10 14.89
N ILE C 25 -44.04 10.46 14.31
CA ILE C 25 -42.97 11.06 15.09
C ILE C 25 -43.19 12.56 15.23
N ASP C 26 -42.62 13.13 16.28
CA ASP C 26 -42.69 14.57 16.50
C ASP C 26 -41.58 15.26 15.72
N ARG C 27 -41.96 16.27 14.93
CA ARG C 27 -41.02 17.03 14.10
C ARG C 27 -40.93 18.45 14.60
N ILE C 28 -39.70 18.93 14.80
CA ILE C 28 -39.47 20.32 15.15
C ILE C 28 -39.30 21.13 13.87
N LYS C 29 -39.40 22.45 13.99
CA LYS C 29 -39.25 23.31 12.84
C LYS C 29 -37.82 23.25 12.31
N VAL C 30 -37.69 23.48 11.00
CA VAL C 30 -36.36 23.50 10.38
C VAL C 30 -35.53 24.65 10.93
N SER C 31 -36.17 25.79 11.21
CA SER C 31 -35.46 26.91 11.81
C SER C 31 -34.91 26.53 13.18
N LYS C 32 -35.70 25.81 13.98
CA LYS C 32 -35.22 25.34 15.27
C LYS C 32 -34.06 24.36 15.10
N ALA C 33 -34.18 23.43 14.14
CA ALA C 33 -33.10 22.48 13.88
C ALA C 33 -31.86 23.16 13.33
N ALA C 34 -32.05 24.13 12.43
CA ALA C 34 -30.92 24.85 11.86
C ALA C 34 -30.16 25.63 12.92
N ALA C 35 -30.88 26.25 13.86
CA ALA C 35 -30.23 27.03 14.91
C ALA C 35 -29.37 26.15 15.81
N ASP C 36 -29.85 24.95 16.13
CA ASP C 36 -29.08 24.05 16.98
C ASP C 36 -27.77 23.63 16.32
N LEU C 37 -27.80 23.34 15.01
CA LEU C 37 -26.56 23.02 14.32
C LEU C 37 -25.63 24.22 14.28
N MET C 38 -26.16 25.41 14.04
CA MET C 38 -25.34 26.61 14.03
C MET C 38 -24.78 26.91 15.42
N ALA C 39 -25.57 26.66 16.46
CA ALA C 39 -25.12 26.91 17.82
C ALA C 39 -23.97 25.98 18.20
N TYR C 40 -24.06 24.70 17.84
CA TYR C 40 -23.01 23.75 18.18
C TYR C 40 -21.70 24.10 17.49
N CYS C 41 -21.75 24.50 16.23
CA CYS C 41 -20.55 24.89 15.51
C CYS C 41 -19.90 26.12 16.15
N GLU C 42 -20.71 27.10 16.55
CA GLU C 42 -20.16 28.29 17.18
C GLU C 42 -19.52 27.96 18.52
N ALA C 43 -20.15 27.12 19.33
CA ALA C 43 -19.66 26.85 20.67
C ALA C 43 -18.33 26.09 20.64
N HIS C 44 -18.14 25.22 19.66
CA HIS C 44 -16.96 24.37 19.58
C HIS C 44 -15.97 24.85 18.52
N ALA C 45 -16.12 26.07 18.03
CA ALA C 45 -15.26 26.57 16.95
C ALA C 45 -13.80 26.65 17.38
N LYS C 46 -13.56 27.10 18.61
CA LYS C 46 -12.17 27.31 19.05
C LYS C 46 -11.41 26.00 19.21
N GLU C 47 -12.10 24.93 19.61
CA GLU C 47 -11.46 23.63 19.79
C GLU C 47 -11.49 22.77 18.52
N ASP C 48 -11.59 23.41 17.35
CA ASP C 48 -11.52 22.69 16.07
C ASP C 48 -10.21 23.02 15.38
N PRO C 49 -9.20 22.15 15.44
CA PRO C 49 -7.92 22.46 14.78
C PRO C 49 -8.01 22.64 13.28
N LEU C 50 -8.90 21.91 12.60
CA LEU C 50 -9.00 22.05 11.15
C LEU C 50 -9.59 23.40 10.77
N LEU C 51 -10.59 23.86 11.52
CA LEU C 51 -11.17 25.18 11.26
C LEU C 51 -10.20 26.30 11.60
N THR C 52 -9.60 26.24 12.78
CA THR C 52 -8.61 27.22 13.23
C THR C 52 -7.30 26.50 13.52
N PRO C 53 -6.35 26.49 12.59
CA PRO C 53 -5.10 25.76 12.81
C PRO C 53 -4.35 26.25 14.04
N VAL C 54 -3.81 25.30 14.79
CA VAL C 54 -3.11 25.58 16.04
C VAL C 54 -1.70 26.05 15.73
N PRO C 55 -1.02 26.73 16.65
CA PRO C 55 0.39 27.08 16.42
C PRO C 55 1.25 25.82 16.27
N ALA C 56 2.33 25.97 15.51
CA ALA C 56 3.17 24.82 15.18
C ALA C 56 3.67 24.09 16.42
N SER C 57 3.81 24.80 17.54
CA SER C 57 4.24 24.13 18.77
C SER C 57 3.20 23.14 19.27
N GLU C 58 1.93 23.37 18.98
CA GLU C 58 0.84 22.51 19.45
C GLU C 58 0.39 21.50 18.39
N ASN C 59 1.08 21.44 17.25
CA ASN C 59 0.70 20.54 16.18
C ASN C 59 1.52 19.27 16.26
N PRO C 60 0.91 18.12 16.55
CA PRO C 60 1.69 16.87 16.59
C PRO C 60 2.28 16.46 15.24
N PHE C 61 1.78 17.01 14.13
CA PHE C 61 2.20 16.60 12.79
C PHE C 61 3.08 17.65 12.11
N ARG C 62 3.91 18.34 12.88
CA ARG C 62 4.85 19.34 12.34
C ARG C 62 5.61 18.83 11.11
N VAL D 1 2.61 -18.71 27.79
CA VAL D 1 3.94 -18.17 27.53
C VAL D 1 4.92 -18.74 28.53
N GLN D 2 6.02 -19.31 28.04
CA GLN D 2 7.01 -19.96 28.87
C GLN D 2 8.41 -19.55 28.44
N LEU D 3 9.31 -19.41 29.40
CA LEU D 3 10.72 -19.15 29.13
C LEU D 3 11.54 -19.96 30.12
N VAL D 4 12.19 -21.01 29.62
CA VAL D 4 12.93 -21.96 30.44
C VAL D 4 14.42 -21.79 30.14
N GLU D 5 15.20 -21.52 31.18
CA GLU D 5 16.65 -21.38 31.06
C GLU D 5 17.34 -22.66 31.48
N SER D 6 18.49 -22.93 30.85
CA SER D 6 19.30 -24.10 31.15
C SER D 6 20.75 -23.80 30.83
N GLY D 7 21.63 -24.67 31.33
CA GLY D 7 23.06 -24.53 31.10
C GLY D 7 23.85 -23.97 32.28
N GLY D 8 23.17 -23.50 33.33
CA GLY D 8 23.87 -22.98 34.48
C GLY D 8 24.44 -24.07 35.35
N GLY D 9 25.40 -23.70 36.17
CA GLY D 9 26.03 -24.64 37.08
C GLY D 9 27.39 -24.13 37.53
N LEU D 10 28.02 -24.95 38.36
CA LEU D 10 29.31 -24.58 38.93
C LEU D 10 30.41 -24.71 37.89
N VAL D 11 31.16 -23.62 37.67
CA VAL D 11 32.23 -23.58 36.68
C VAL D 11 33.49 -23.05 37.34
N GLN D 12 34.63 -23.40 36.75
CA GLN D 12 35.91 -22.95 37.22
C GLN D 12 36.17 -21.52 36.76
N PRO D 13 36.93 -20.73 37.52
CA PRO D 13 37.27 -19.38 37.07
C PRO D 13 38.05 -19.41 35.77
N GLY D 14 37.75 -18.46 34.90
CA GLY D 14 38.36 -18.41 33.59
C GLY D 14 37.77 -19.38 32.58
N GLY D 15 36.71 -20.10 32.95
CA GLY D 15 36.09 -21.08 32.07
C GLY D 15 35.04 -20.45 31.16
N SER D 16 34.33 -21.33 30.46
CA SER D 16 33.29 -20.93 29.52
C SER D 16 32.04 -21.75 29.79
N ARG D 17 30.88 -21.10 29.59
CA ARG D 17 29.60 -21.76 29.80
C ARG D 17 28.59 -21.18 28.82
N LYS D 18 27.66 -22.03 28.38
CA LYS D 18 26.66 -21.67 27.38
C LYS D 18 25.28 -21.77 28.01
N LEU D 19 24.58 -20.64 28.10
CA LEU D 19 23.24 -20.59 28.65
C LEU D 19 22.22 -20.59 27.51
N SER D 20 21.14 -21.34 27.69
CA SER D 20 20.08 -21.45 26.70
C SER D 20 18.77 -21.00 27.31
N CYS D 21 17.93 -20.37 26.48
CA CYS D 21 16.59 -19.95 26.88
C CYS D 21 15.61 -20.43 25.81
N SER D 22 14.85 -21.47 26.12
CA SER D 22 13.86 -22.02 25.19
C SER D 22 12.52 -21.35 25.41
N ALA D 23 11.91 -20.86 24.33
CA ALA D 23 10.65 -20.14 24.38
C ALA D 23 9.54 -20.98 23.78
N SER D 24 8.40 -21.02 24.46
CA SER D 24 7.21 -21.69 23.97
C SER D 24 5.97 -20.88 24.32
N GLY D 25 4.95 -20.97 23.48
CA GLY D 25 3.69 -20.33 23.74
C GLY D 25 3.55 -18.90 23.28
N PHE D 26 4.54 -18.36 22.58
CA PHE D 26 4.41 -17.01 22.04
C PHE D 26 5.32 -16.88 20.82
N ALA D 27 5.07 -15.83 20.04
CA ALA D 27 5.87 -15.59 18.84
C ALA D 27 7.25 -15.11 19.21
N PHE D 28 8.20 -16.04 19.34
CA PHE D 28 9.52 -15.69 19.85
C PHE D 28 10.25 -14.72 18.94
N SER D 29 10.14 -14.91 17.63
CA SER D 29 10.89 -14.07 16.69
C SER D 29 10.42 -12.63 16.69
N SER D 30 9.23 -12.34 17.23
CA SER D 30 8.71 -10.98 17.27
C SER D 30 9.20 -10.18 18.47
N PHE D 31 9.82 -10.84 19.45
CA PHE D 31 10.22 -10.19 20.70
C PHE D 31 11.73 -9.99 20.73
N GLY D 32 12.14 -8.81 21.16
CA GLY D 32 13.51 -8.64 21.59
C GLY D 32 13.74 -9.35 22.91
N MET D 33 14.99 -9.74 23.14
CA MET D 33 15.32 -10.54 24.31
C MET D 33 16.46 -9.90 25.09
N HIS D 34 16.35 -9.92 26.41
CA HIS D 34 17.38 -9.43 27.31
C HIS D 34 17.84 -10.55 28.22
N TRP D 35 19.10 -10.49 28.62
CA TRP D 35 19.60 -11.25 29.76
C TRP D 35 19.80 -10.31 30.93
N VAL D 36 19.19 -10.64 32.07
CA VAL D 36 19.34 -9.88 33.31
C VAL D 36 19.80 -10.85 34.37
N ARG D 37 20.84 -10.48 35.11
CA ARG D 37 21.35 -11.32 36.18
C ARG D 37 21.15 -10.66 37.53
N GLN D 38 21.18 -11.49 38.57
CA GLN D 38 20.98 -11.04 39.94
C GLN D 38 21.97 -11.80 40.82
N ALA D 39 22.96 -11.08 41.36
CA ALA D 39 23.90 -11.71 42.26
C ALA D 39 23.20 -12.11 43.55
N PRO D 40 23.65 -13.18 44.20
CA PRO D 40 23.00 -13.61 45.44
C PRO D 40 22.98 -12.50 46.48
N GLU D 41 21.81 -12.27 47.06
CA GLU D 41 21.60 -11.19 48.04
C GLU D 41 21.98 -9.83 47.45
N LYS D 42 21.69 -9.64 46.16
CA LYS D 42 21.95 -8.37 45.47
C LYS D 42 20.78 -8.06 44.56
N GLY D 43 20.86 -6.91 43.89
CA GLY D 43 19.82 -6.46 42.99
C GLY D 43 20.01 -6.97 41.58
N LEU D 44 19.13 -6.51 40.70
CA LEU D 44 19.15 -6.94 39.31
C LEU D 44 20.21 -6.18 38.51
N GLU D 45 20.81 -6.87 37.54
CA GLU D 45 21.82 -6.26 36.69
C GLU D 45 21.61 -6.73 35.25
N TRP D 46 21.42 -5.79 34.34
CA TRP D 46 21.20 -6.11 32.94
C TRP D 46 22.51 -6.56 32.30
N VAL D 47 22.44 -7.60 31.47
CA VAL D 47 23.62 -8.23 30.87
C VAL D 47 23.73 -7.89 29.39
N ALA D 48 22.71 -8.21 28.60
CA ALA D 48 22.81 -8.09 27.16
C ALA D 48 21.42 -7.90 26.58
N TYR D 49 21.38 -7.50 25.31
CA TYR D 49 20.13 -7.34 24.58
C TYR D 49 20.34 -7.72 23.13
N ILE D 50 19.41 -8.50 22.58
CA ILE D 50 19.36 -8.76 21.14
C ILE D 50 17.95 -8.41 20.66
N SER D 51 17.88 -7.65 19.58
CA SER D 51 16.58 -7.19 19.10
C SER D 51 15.90 -8.29 18.29
N SER D 52 14.61 -8.07 18.01
CA SER D 52 13.92 -8.92 17.05
C SER D 52 14.54 -8.77 15.67
N GLY D 53 14.84 -9.90 15.03
CA GLY D 53 15.54 -9.88 13.77
C GLY D 53 17.05 -9.82 13.90
N SER D 54 17.58 -9.81 15.12
CA SER D 54 19.01 -9.92 15.40
C SER D 54 19.81 -8.75 14.83
N GLY D 55 19.14 -7.65 14.49
CA GLY D 55 19.84 -6.53 13.87
C GLY D 55 20.60 -5.67 14.86
N THR D 56 20.13 -5.59 16.10
CA THR D 56 20.72 -4.73 17.13
C THR D 56 21.11 -5.58 18.32
N ILE D 57 22.32 -5.40 18.81
CA ILE D 57 22.85 -6.13 19.94
C ILE D 57 23.53 -5.15 20.89
N TYR D 58 23.21 -5.22 22.17
CA TYR D 58 23.82 -4.38 23.19
C TYR D 58 24.35 -5.26 24.32
N TYR D 59 25.42 -4.81 24.95
CA TYR D 59 26.03 -5.50 26.08
C TYR D 59 26.27 -4.50 27.19
N ALA D 60 26.27 -5.00 28.43
CA ALA D 60 26.74 -4.20 29.55
C ALA D 60 28.27 -4.10 29.52
N ASP D 61 28.78 -3.00 30.05
CA ASP D 61 30.22 -2.77 30.02
C ASP D 61 30.99 -3.82 30.80
N THR D 62 30.42 -4.32 31.90
CA THR D 62 31.11 -5.29 32.72
C THR D 62 31.24 -6.64 32.05
N VAL D 63 30.48 -6.90 30.99
CA VAL D 63 30.51 -8.17 30.29
C VAL D 63 30.86 -8.02 28.82
N LYS D 64 30.96 -6.80 28.30
CA LYS D 64 31.21 -6.60 26.87
C LYS D 64 32.58 -7.14 26.50
N GLY D 65 32.63 -7.88 25.39
CA GLY D 65 33.84 -8.53 24.96
C GLY D 65 34.01 -9.96 25.43
N ARG D 66 33.36 -10.33 26.53
CA ARG D 66 33.42 -11.69 27.05
C ARG D 66 32.15 -12.49 26.81
N PHE D 67 30.99 -11.84 26.78
CA PHE D 67 29.71 -12.50 26.57
C PHE D 67 29.24 -12.28 25.15
N THR D 68 28.63 -13.31 24.56
CA THR D 68 28.00 -13.20 23.26
C THR D 68 26.57 -13.71 23.33
N ILE D 69 25.62 -12.88 22.89
CA ILE D 69 24.20 -13.21 22.92
C ILE D 69 23.74 -13.49 21.50
N SER D 70 22.98 -14.57 21.32
CA SER D 70 22.50 -14.95 20.01
C SER D 70 21.16 -15.67 20.18
N ARG D 71 20.43 -15.77 19.07
CA ARG D 71 19.12 -16.41 19.09
C ARG D 71 18.98 -17.32 17.88
N ASP D 72 18.14 -18.35 18.03
CA ASP D 72 17.78 -19.26 16.95
C ASP D 72 16.25 -19.19 16.80
N ASP D 73 15.79 -18.35 15.89
CA ASP D 73 14.34 -18.13 15.74
C ASP D 73 13.59 -19.40 15.34
N PRO D 74 14.04 -20.21 14.36
CA PRO D 74 13.28 -21.44 14.05
C PRO D 74 13.15 -22.39 15.24
N LYS D 75 14.15 -22.48 16.10
CA LYS D 75 14.08 -23.35 17.26
C LYS D 75 13.54 -22.65 18.49
N ASN D 76 13.29 -21.34 18.41
CA ASN D 76 12.80 -20.55 19.53
C ASN D 76 13.70 -20.68 20.75
N THR D 77 15.01 -20.59 20.52
CA THR D 77 16.01 -20.72 21.57
C THR D 77 16.84 -19.45 21.63
N LEU D 78 17.06 -18.94 22.84
CA LEU D 78 17.95 -17.83 23.08
C LEU D 78 19.22 -18.31 23.76
N PHE D 79 20.37 -17.82 23.31
CA PHE D 79 21.66 -18.28 23.78
C PHE D 79 22.43 -17.14 24.41
N LEU D 80 23.33 -17.50 25.34
CA LEU D 80 24.28 -16.56 25.93
C LEU D 80 25.60 -17.30 26.08
N GLN D 81 26.54 -17.03 25.17
CA GLN D 81 27.87 -17.63 25.24
C GLN D 81 28.77 -16.75 26.11
N MET D 82 29.29 -17.34 27.19
CA MET D 82 30.12 -16.64 28.15
C MET D 82 31.54 -17.19 28.11
N THR D 83 32.51 -16.29 28.22
CA THR D 83 33.92 -16.66 28.22
C THR D 83 34.65 -15.87 29.30
N SER D 84 35.77 -16.44 29.77
CA SER D 84 36.62 -15.81 30.77
C SER D 84 35.82 -15.46 32.03
N LEU D 85 35.03 -16.43 32.50
CA LEU D 85 34.13 -16.20 33.61
C LEU D 85 34.89 -15.88 34.88
N ARG D 86 34.45 -14.84 35.58
CA ARG D 86 35.07 -14.36 36.81
C ARG D 86 34.13 -14.64 37.99
N SER D 87 34.67 -14.46 39.20
CA SER D 87 33.84 -14.61 40.39
C SER D 87 32.74 -13.57 40.45
N GLU D 88 32.90 -12.46 39.72
CA GLU D 88 31.88 -11.43 39.65
C GLU D 88 30.67 -11.86 38.82
N ASP D 89 30.78 -12.96 38.08
CA ASP D 89 29.70 -13.44 37.22
C ASP D 89 28.78 -14.43 37.93
N THR D 90 29.04 -14.76 39.19
CA THR D 90 28.19 -15.69 39.93
C THR D 90 26.84 -15.02 40.19
N ALA D 91 25.80 -15.47 39.50
CA ALA D 91 24.49 -14.87 39.64
C ALA D 91 23.44 -15.80 39.04
N MET D 92 22.17 -15.45 39.30
CA MET D 92 21.04 -16.07 38.63
C MET D 92 20.72 -15.26 37.38
N TYR D 93 20.75 -15.92 36.22
CA TYR D 93 20.58 -15.26 34.94
C TYR D 93 19.15 -15.46 34.44
N TYR D 94 18.44 -14.36 34.21
CA TYR D 94 17.05 -14.40 33.80
C TYR D 94 16.92 -14.08 32.32
N CYS D 95 16.02 -14.79 31.66
CA CYS D 95 15.68 -14.55 30.27
C CYS D 95 14.41 -13.71 30.23
N VAL D 96 14.49 -12.53 29.60
CA VAL D 96 13.40 -11.57 29.61
C VAL D 96 13.01 -11.24 28.17
N ARG D 97 11.73 -11.34 27.87
CA ARG D 97 11.21 -10.93 26.58
C ARG D 97 10.74 -9.48 26.64
N SER D 98 10.88 -8.78 25.52
CA SER D 98 10.45 -7.39 25.43
C SER D 98 10.17 -7.07 23.97
N ILE D 99 8.95 -6.61 23.69
CA ILE D 99 8.56 -6.21 22.34
C ILE D 99 8.37 -4.70 22.35
N TYR D 100 8.75 -4.06 21.24
CA TYR D 100 8.79 -2.59 21.18
C TYR D 100 7.97 -2.11 20.00
N TYR D 101 6.81 -1.53 20.30
CA TYR D 101 6.05 -0.73 19.36
C TYR D 101 5.24 0.26 20.18
N TYR D 102 4.57 1.18 19.50
CA TYR D 102 3.80 2.19 20.22
C TYR D 102 2.76 1.55 21.12
N GLY D 103 2.87 1.80 22.43
CA GLY D 103 1.97 1.27 23.41
C GLY D 103 2.29 -0.12 23.93
N SER D 104 3.40 -0.71 23.51
CA SER D 104 3.77 -2.03 24.00
C SER D 104 4.26 -1.95 25.45
N SER D 105 4.38 -3.12 26.07
CA SER D 105 4.83 -3.26 27.46
C SER D 105 6.09 -4.10 27.47
N PRO D 106 7.27 -3.49 27.33
CA PRO D 106 8.52 -4.26 27.39
C PRO D 106 8.75 -4.84 28.78
N PHE D 107 9.55 -5.91 28.83
CA PHE D 107 9.93 -6.57 30.07
C PHE D 107 8.73 -7.18 30.78
N ASP D 108 7.71 -7.58 30.01
CA ASP D 108 6.47 -8.06 30.60
C ASP D 108 6.59 -9.49 31.14
N PHE D 109 7.40 -10.34 30.51
CA PHE D 109 7.54 -11.72 30.95
C PHE D 109 9.00 -12.06 31.19
N TRP D 110 9.28 -12.67 32.33
CA TRP D 110 10.61 -13.11 32.70
C TRP D 110 10.63 -14.63 32.83
N GLY D 111 11.79 -15.23 32.57
CA GLY D 111 11.96 -16.64 32.80
C GLY D 111 12.25 -16.98 34.25
N GLN D 112 12.27 -18.29 34.53
CA GLN D 112 12.51 -18.75 35.89
C GLN D 112 13.97 -18.55 36.30
N GLY D 113 14.88 -18.52 35.34
CA GLY D 113 16.27 -18.22 35.60
C GLY D 113 17.10 -19.47 35.76
N THR D 114 18.40 -19.34 35.49
CA THR D 114 19.38 -20.39 35.69
C THR D 114 20.55 -19.86 36.51
N THR D 115 21.05 -20.68 37.43
CA THR D 115 22.06 -20.27 38.38
C THR D 115 23.45 -20.65 37.89
N LEU D 116 24.35 -19.67 37.88
CA LEU D 116 25.75 -19.87 37.52
C LEU D 116 26.61 -19.57 38.74
N THR D 117 27.48 -20.51 39.09
CA THR D 117 28.39 -20.35 40.21
C THR D 117 29.83 -20.50 39.73
N VAL D 118 30.67 -19.53 40.10
CA VAL D 118 32.08 -19.51 39.71
C VAL D 118 32.90 -19.75 40.98
N SER D 119 33.84 -20.70 40.89
CA SER D 119 34.65 -21.08 42.04
C SER D 119 35.62 -19.97 42.44
N ASP D 137 26.18 6.22 32.26
CA ASP D 137 25.23 5.31 32.87
C ASP D 137 24.37 6.03 33.91
N ILE D 138 23.06 6.00 33.70
CA ILE D 138 22.14 6.61 34.67
C ILE D 138 22.11 5.77 35.93
N VAL D 139 22.26 6.42 37.08
CA VAL D 139 22.27 5.75 38.38
C VAL D 139 20.86 5.82 38.97
N MET D 140 20.27 4.65 39.23
CA MET D 140 18.96 4.57 39.84
C MET D 140 19.13 4.23 41.32
N THR D 141 18.56 5.07 42.19
CA THR D 141 18.78 4.99 43.63
C THR D 141 17.48 4.65 44.34
N GLN D 142 17.52 3.61 45.17
CA GLN D 142 16.43 3.26 46.09
C GLN D 142 17.05 3.23 47.49
N ALA D 143 17.10 4.40 48.13
CA ALA D 143 17.81 4.51 49.41
C ALA D 143 17.17 3.64 50.48
N THR D 144 15.84 3.60 50.53
CA THR D 144 15.14 2.79 51.52
C THR D 144 15.28 1.31 51.16
N SER D 145 16.13 0.59 51.89
CA SER D 145 16.34 -0.82 51.58
C SER D 145 15.15 -1.67 52.01
N SER D 146 14.56 -1.37 53.16
CA SER D 146 13.45 -2.16 53.68
C SER D 146 12.38 -1.23 54.25
N VAL D 147 11.13 -1.69 54.18
CA VAL D 147 9.99 -0.93 54.69
C VAL D 147 9.07 -1.89 55.45
N PRO D 148 8.87 -1.67 56.76
CA PRO D 148 7.90 -2.50 57.49
C PRO D 148 6.48 -2.10 57.13
N VAL D 149 5.67 -3.09 56.74
CA VAL D 149 4.33 -2.84 56.25
C VAL D 149 3.35 -3.76 56.96
N THR D 150 2.07 -3.37 56.92
CA THR D 150 0.98 -4.17 57.45
C THR D 150 -0.12 -4.27 56.40
N PRO D 151 -0.82 -5.41 56.36
CA PRO D 151 -1.85 -5.59 55.33
C PRO D 151 -2.95 -4.55 55.43
N GLY D 152 -3.46 -4.14 54.27
CA GLY D 152 -4.54 -3.17 54.19
C GLY D 152 -4.13 -1.72 54.30
N GLU D 153 -2.85 -1.42 54.44
CA GLU D 153 -2.37 -0.05 54.60
C GLU D 153 -1.64 0.39 53.34
N SER D 154 -1.73 1.68 53.04
CA SER D 154 -1.14 2.21 51.82
C SER D 154 0.36 2.42 52.00
N VAL D 155 1.13 2.01 51.00
CA VAL D 155 2.59 2.09 51.03
C VAL D 155 3.07 2.81 49.78
N SER D 156 4.08 3.66 49.94
CA SER D 156 4.71 4.35 48.84
C SER D 156 6.20 4.01 48.80
N ILE D 157 6.70 3.73 47.60
CA ILE D 157 8.11 3.40 47.38
C ILE D 157 8.68 4.45 46.44
N SER D 158 9.85 4.96 46.78
CA SER D 158 10.47 6.06 46.04
C SER D 158 11.68 5.57 45.24
N CYS D 159 11.87 6.15 44.07
CA CYS D 159 13.00 5.87 43.21
C CYS D 159 13.54 7.19 42.67
N ARG D 160 14.85 7.25 42.48
CA ARG D 160 15.49 8.46 41.97
C ARG D 160 16.44 8.09 40.84
N SER D 161 16.64 9.04 39.93
CA SER D 161 17.55 8.88 38.80
C SER D 161 18.49 10.06 38.70
N SER D 162 19.73 9.80 38.29
CA SER D 162 20.70 10.87 38.12
C SER D 162 20.32 11.80 36.97
N LYS D 163 19.70 11.26 35.93
CA LYS D 163 19.24 12.03 34.78
C LYS D 163 17.72 12.01 34.72
N SER D 164 17.15 13.02 34.06
CA SER D 164 15.71 13.05 33.84
C SER D 164 15.32 11.95 32.86
N LEU D 165 14.40 11.09 33.27
CA LEU D 165 13.92 10.01 32.41
C LEU D 165 12.79 10.45 31.48
N LEU D 166 12.34 11.70 31.57
CA LEU D 166 11.33 12.19 30.66
C LEU D 166 11.96 12.59 29.34
N HIS D 167 11.53 11.94 28.26
CA HIS D 167 12.01 12.21 26.92
C HIS D 167 11.17 13.31 26.28
N SER D 168 11.69 13.86 25.18
CA SER D 168 10.97 14.92 24.48
C SER D 168 9.70 14.41 23.79
N ASN D 169 9.50 13.10 23.70
CA ASN D 169 8.29 12.56 23.10
C ASN D 169 7.16 12.37 24.11
N GLY D 170 7.38 12.72 25.38
CA GLY D 170 6.38 12.63 26.41
C GLY D 170 6.45 11.39 27.28
N ASN D 171 7.20 10.37 26.85
CA ASN D 171 7.36 9.18 27.67
C ASN D 171 8.38 9.40 28.78
N THR D 172 8.12 8.79 29.92
CA THR D 172 9.08 8.70 31.02
C THR D 172 9.43 7.22 31.19
N TYR D 173 10.63 6.85 30.75
CA TYR D 173 11.00 5.44 30.63
C TYR D 173 11.47 4.88 31.98
N LEU D 174 10.51 4.73 32.88
CA LEU D 174 10.73 4.13 34.19
C LEU D 174 9.83 2.90 34.34
N TYR D 175 10.40 1.82 34.84
CA TYR D 175 9.71 0.56 35.00
C TYR D 175 9.75 0.12 36.46
N TRP D 176 8.71 -0.58 36.88
CA TRP D 176 8.64 -1.15 38.22
C TRP D 176 8.48 -2.65 38.14
N PHE D 177 9.28 -3.38 38.92
CA PHE D 177 9.24 -4.82 38.95
C PHE D 177 9.04 -5.29 40.39
N LEU D 178 8.42 -6.45 40.54
CA LEU D 178 8.24 -7.08 41.83
C LEU D 178 8.83 -8.48 41.77
N GLN D 179 9.75 -8.78 42.68
CA GLN D 179 10.33 -10.12 42.80
C GLN D 179 9.92 -10.71 44.14
N ARG D 180 8.88 -11.53 44.14
CA ARG D 180 8.48 -12.22 45.35
C ARG D 180 9.53 -13.26 45.73
N PRO D 181 9.64 -13.60 47.01
CA PRO D 181 10.67 -14.55 47.43
C PRO D 181 10.50 -15.90 46.74
N GLY D 182 11.56 -16.33 46.06
CA GLY D 182 11.55 -17.58 45.33
C GLY D 182 11.00 -17.50 43.92
N GLN D 183 10.54 -16.32 43.49
CA GLN D 183 9.92 -16.16 42.18
C GLN D 183 10.75 -15.21 41.32
N SER D 184 10.49 -15.28 40.02
CA SER D 184 11.10 -14.36 39.06
C SER D 184 10.43 -12.99 39.13
N PRO D 185 11.14 -11.95 38.69
CA PRO D 185 10.54 -10.61 38.70
C PRO D 185 9.32 -10.56 37.80
N GLN D 186 8.37 -9.70 38.18
CA GLN D 186 7.18 -9.45 37.38
C GLN D 186 7.01 -7.97 37.16
N LEU D 187 6.55 -7.59 35.97
CA LEU D 187 6.35 -6.19 35.66
C LEU D 187 5.10 -5.66 36.34
N LEU D 188 5.23 -4.51 37.01
CA LEU D 188 4.10 -3.82 37.61
C LEU D 188 3.72 -2.57 36.82
N ILE D 189 4.65 -1.65 36.64
CA ILE D 189 4.40 -0.37 35.99
C ILE D 189 5.44 -0.18 34.90
N TYR D 190 4.97 0.14 33.70
CA TYR D 190 5.85 0.40 32.57
C TYR D 190 5.65 1.83 32.09
N ARG D 191 6.76 2.50 31.78
CA ARG D 191 6.78 3.93 31.44
C ARG D 191 6.12 4.78 32.52
N MET D 192 6.39 4.42 33.77
CA MET D 192 6.22 5.25 34.97
C MET D 192 4.78 5.44 35.41
N SER D 193 3.81 5.14 34.53
CA SER D 193 2.42 5.30 34.91
C SER D 193 1.52 4.15 34.49
N ASN D 194 1.83 3.44 33.42
CA ASN D 194 0.93 2.42 32.88
C ASN D 194 0.98 1.14 33.71
N LEU D 195 -0.17 0.52 33.87
CA LEU D 195 -0.31 -0.69 34.68
C LEU D 195 -0.20 -1.91 33.77
N ALA D 196 0.67 -2.83 34.14
CA ALA D 196 0.90 -4.02 33.33
C ALA D 196 -0.29 -4.96 33.37
N SER D 197 -0.43 -5.75 32.31
CA SER D 197 -1.54 -6.70 32.21
C SER D 197 -1.45 -7.75 33.31
N GLY D 198 -2.58 -8.00 33.96
CA GLY D 198 -2.64 -8.95 35.05
C GLY D 198 -2.26 -8.40 36.41
N VAL D 199 -2.08 -7.10 36.52
CA VAL D 199 -1.66 -6.45 37.77
C VAL D 199 -2.88 -5.76 38.37
N PRO D 200 -3.16 -5.95 39.66
CA PRO D 200 -4.33 -5.30 40.27
C PRO D 200 -4.23 -3.79 40.20
N ASP D 201 -5.39 -3.14 40.12
CA ASP D 201 -5.46 -1.69 39.98
C ASP D 201 -4.98 -0.94 41.22
N ARG D 202 -4.78 -1.63 42.35
CA ARG D 202 -4.31 -0.95 43.54
C ARG D 202 -2.92 -0.36 43.37
N PHE D 203 -2.09 -0.99 42.53
CA PHE D 203 -0.78 -0.41 42.21
C PHE D 203 -0.96 0.81 41.31
N SER D 204 -0.25 1.88 41.63
CA SER D 204 -0.26 3.11 40.83
C SER D 204 1.12 3.72 40.83
N GLY D 205 1.59 4.14 39.65
CA GLY D 205 2.88 4.75 39.50
C GLY D 205 2.76 6.24 39.22
N SER D 206 3.46 7.03 40.04
CA SER D 206 3.47 8.48 39.90
C SER D 206 4.91 8.96 39.94
N GLY D 207 5.23 9.96 39.11
CA GLY D 207 6.58 10.49 39.10
C GLY D 207 6.63 11.79 38.34
N SER D 208 7.79 12.43 38.43
CA SER D 208 8.08 13.63 37.65
C SER D 208 9.58 13.80 37.57
N GLY D 209 10.10 14.03 36.37
CA GLY D 209 11.51 14.31 36.20
C GLY D 209 12.41 13.19 36.67
N THR D 210 13.04 13.38 37.83
CA THR D 210 13.97 12.40 38.37
C THR D 210 13.45 11.67 39.60
N ALA D 211 12.29 12.06 40.13
CA ALA D 211 11.74 11.48 41.35
C ALA D 211 10.46 10.74 41.01
N PHE D 212 10.37 9.48 41.44
CA PHE D 212 9.25 8.62 41.11
C PHE D 212 8.76 7.90 42.36
N THR D 213 7.46 7.64 42.40
CA THR D 213 6.82 6.98 43.54
C THR D 213 5.90 5.88 43.05
N LEU D 214 5.99 4.72 43.68
CA LEU D 214 5.09 3.60 43.45
C LEU D 214 4.18 3.47 44.66
N THR D 215 2.89 3.71 44.47
CA THR D 215 1.92 3.67 45.56
C THR D 215 1.14 2.37 45.50
N ILE D 216 1.07 1.68 46.65
CA ILE D 216 0.39 0.40 46.77
C ILE D 216 -0.75 0.59 47.77
N SER D 217 -1.96 0.81 47.27
CA SER D 217 -3.11 0.97 48.14
C SER D 217 -3.63 -0.39 48.57
N ARG D 218 -4.02 -0.50 49.85
CA ARG D 218 -4.57 -1.73 50.41
C ARG D 218 -3.61 -2.90 50.21
N LEU D 219 -2.44 -2.79 50.82
CA LEU D 219 -1.41 -3.80 50.67
C LEU D 219 -1.91 -5.16 51.11
N GLU D 220 -1.48 -6.20 50.41
CA GLU D 220 -1.87 -7.58 50.68
C GLU D 220 -0.61 -8.43 50.88
N ALA D 221 -0.84 -9.70 51.23
CA ALA D 221 0.26 -10.63 51.49
C ALA D 221 1.10 -10.87 50.24
N GLU D 222 0.45 -10.94 49.08
CA GLU D 222 1.17 -11.22 47.83
C GLU D 222 2.14 -10.10 47.47
N ASP D 223 1.82 -8.85 47.84
CA ASP D 223 2.67 -7.72 47.49
C ASP D 223 4.01 -7.75 48.21
N VAL D 224 4.16 -8.56 49.25
CA VAL D 224 5.43 -8.66 49.96
C VAL D 224 6.53 -9.13 49.01
N GLY D 225 7.62 -8.40 48.99
CA GLY D 225 8.75 -8.74 48.14
C GLY D 225 9.66 -7.54 47.97
N VAL D 226 10.61 -7.68 47.04
CA VAL D 226 11.54 -6.62 46.70
C VAL D 226 11.05 -5.92 45.44
N TYR D 227 11.10 -4.60 45.44
CA TYR D 227 10.65 -3.80 44.32
C TYR D 227 11.85 -3.10 43.68
N TYR D 228 11.98 -3.24 42.37
CA TYR D 228 13.07 -2.65 41.61
C TYR D 228 12.51 -1.65 40.61
N CYS D 229 13.17 -0.49 40.51
CA CYS D 229 12.89 0.48 39.46
C CYS D 229 14.01 0.45 38.43
N MET D 230 13.63 0.33 37.17
CA MET D 230 14.57 0.26 36.06
C MET D 230 14.29 1.40 35.08
N GLN D 231 15.34 1.95 34.52
CA GLN D 231 15.22 2.97 33.48
C GLN D 231 15.47 2.34 32.11
N HIS D 232 14.66 2.74 31.13
CA HIS D 232 14.85 2.31 29.76
C HIS D 232 15.02 3.51 28.83
N LEU D 233 15.50 4.63 29.36
CA LEU D 233 15.71 5.81 28.54
C LEU D 233 16.82 5.58 27.53
N GLU D 234 17.89 4.90 27.95
CA GLU D 234 19.04 4.65 27.09
C GLU D 234 19.79 3.45 27.64
N TYR D 235 20.65 2.89 26.79
CA TYR D 235 21.51 1.79 27.20
C TYR D 235 22.82 2.31 27.77
N PRO D 236 23.38 1.65 28.79
CA PRO D 236 22.93 0.40 29.42
C PRO D 236 21.75 0.58 30.38
N LEU D 237 20.81 -0.36 30.37
CA LEU D 237 19.70 -0.32 31.31
C LEU D 237 20.20 -0.59 32.72
N THR D 238 19.82 0.26 33.66
CA THR D 238 20.30 0.16 35.03
C THR D 238 19.12 0.00 35.98
N PHE D 239 19.34 -0.79 37.03
CA PHE D 239 18.34 -1.09 38.05
C PHE D 239 18.67 -0.35 39.34
N GLY D 240 17.65 -0.08 40.13
CA GLY D 240 17.86 0.37 41.49
C GLY D 240 18.29 -0.77 42.40
N ALA D 241 18.72 -0.38 43.60
CA ALA D 241 19.16 -1.36 44.60
C ALA D 241 18.01 -2.31 44.96
N GLY D 242 16.81 -1.79 45.07
CA GLY D 242 15.63 -2.57 45.42
C GLY D 242 15.15 -2.23 46.82
N THR D 243 13.84 -2.15 46.98
CA THR D 243 13.20 -1.89 48.26
C THR D 243 12.40 -3.12 48.68
N LYS D 244 12.70 -3.66 49.85
CA LYS D 244 12.04 -4.87 50.33
C LYS D 244 10.88 -4.49 51.23
N LEU D 245 9.75 -5.17 51.04
CA LEU D 245 8.59 -5.00 51.90
C LEU D 245 8.49 -6.23 52.82
N GLU D 246 8.38 -5.97 54.12
CA GLU D 246 8.28 -7.04 55.10
C GLU D 246 7.14 -6.74 56.06
N LEU D 247 6.53 -7.81 56.57
CA LEU D 247 5.42 -7.68 57.51
C LEU D 247 5.91 -7.55 58.94
N THR E 87 32.69 32.23 -34.37
CA THR E 87 33.40 31.76 -33.19
C THR E 87 32.45 31.66 -32.00
N ALA E 88 31.70 32.73 -31.75
CA ALA E 88 30.74 32.72 -30.65
C ALA E 88 29.60 31.74 -30.91
N VAL E 89 29.27 31.49 -32.17
CA VAL E 89 28.22 30.54 -32.51
C VAL E 89 28.59 29.14 -32.02
N LEU E 90 29.85 28.76 -32.23
CA LEU E 90 30.32 27.47 -31.74
C LEU E 90 30.22 27.38 -30.22
N ALA E 91 30.50 28.49 -29.52
CA ALA E 91 30.36 28.50 -28.06
C ALA E 91 28.91 28.29 -27.63
N ALA E 92 27.97 28.94 -28.33
CA ALA E 92 26.56 28.76 -27.99
C ALA E 92 26.10 27.34 -28.25
N LEU E 93 26.51 26.76 -29.38
CA LEU E 93 26.10 25.38 -29.70
C LEU E 93 26.61 24.40 -28.66
N MET E 94 27.87 24.55 -28.23
CA MET E 94 28.40 23.71 -27.17
C MET E 94 27.64 23.92 -25.86
N ALA E 95 27.32 25.17 -25.54
CA ALA E 95 26.53 25.45 -24.34
C ALA E 95 25.14 24.83 -24.44
N LEU E 96 24.51 24.92 -25.62
CA LEU E 96 23.21 24.29 -25.81
C LEU E 96 23.28 22.79 -25.61
N LEU E 97 24.33 22.15 -26.13
CA LEU E 97 24.51 20.72 -25.92
C LEU E 97 24.71 20.40 -24.44
N ILE E 98 25.44 21.27 -23.73
CA ILE E 98 25.61 21.08 -22.29
C ILE E 98 24.26 21.20 -21.58
N VAL E 99 23.49 22.23 -21.94
CA VAL E 99 22.20 22.46 -21.29
C VAL E 99 21.25 21.30 -21.56
N ALA E 100 21.15 20.87 -22.82
CA ALA E 100 20.22 19.81 -23.17
C ALA E 100 20.60 18.48 -22.52
N THR E 101 21.90 18.18 -22.45
CA THR E 101 22.34 16.91 -21.90
C THR E 101 22.15 16.86 -20.39
N VAL E 102 22.37 17.98 -19.71
CA VAL E 102 22.33 17.99 -18.24
C VAL E 102 20.90 17.85 -17.75
N LEU E 103 20.05 18.81 -18.09
CA LEU E 103 18.67 18.77 -17.59
C LEU E 103 17.86 17.66 -18.24
N GLY E 104 18.16 17.32 -19.50
CA GLY E 104 17.44 16.23 -20.15
C GLY E 104 17.61 14.91 -19.42
N ASN E 105 18.83 14.60 -19.00
CA ASN E 105 19.09 13.42 -18.20
C ASN E 105 18.80 13.64 -16.72
N ALA E 106 18.64 14.89 -16.28
CA ALA E 106 18.26 15.14 -14.89
C ALA E 106 16.79 14.81 -14.65
N LEU E 107 15.93 15.12 -15.62
CA LEU E 107 14.51 14.82 -15.48
C LEU E 107 14.27 13.33 -15.32
N VAL E 108 15.03 12.52 -16.07
CA VAL E 108 14.93 11.06 -15.93
C VAL E 108 15.33 10.64 -14.52
N MET E 109 16.38 11.25 -13.97
CA MET E 109 16.76 10.96 -12.59
C MET E 109 15.77 11.56 -11.61
N LEU E 110 15.24 12.75 -11.92
CA LEU E 110 14.23 13.36 -11.05
C LEU E 110 12.94 12.54 -11.04
N ALA E 111 12.50 12.09 -12.22
CA ALA E 111 11.29 11.27 -12.28
C ALA E 111 11.49 9.92 -11.61
N PHE E 112 12.69 9.35 -11.71
CA PHE E 112 12.95 8.07 -11.06
C PHE E 112 12.83 8.20 -9.53
N VAL E 113 13.37 9.28 -8.97
CA VAL E 113 13.26 9.50 -7.53
C VAL E 113 11.85 9.88 -7.15
N ALA E 114 11.19 10.71 -7.96
CA ALA E 114 9.85 11.19 -7.64
C ALA E 114 8.84 10.05 -7.55
N ASP E 115 8.91 9.11 -8.48
CA ASP E 115 7.95 8.01 -8.53
C ASP E 115 8.59 6.75 -7.94
N SER E 116 7.89 6.15 -6.98
CA SER E 116 8.37 4.92 -6.36
C SER E 116 7.90 3.66 -7.08
N SER E 117 7.00 3.79 -8.06
CA SER E 117 6.56 2.64 -8.84
C SER E 117 7.51 2.31 -9.97
N LEU E 118 8.47 3.19 -10.27
CA LEU E 118 9.45 2.96 -11.33
C LEU E 118 10.66 2.19 -10.78
N ARG E 119 10.39 0.97 -10.30
CA ARG E 119 11.43 0.16 -9.68
C ARG E 119 11.57 -1.21 -10.35
N THR E 120 11.11 -1.33 -11.60
CA THR E 120 11.38 -2.52 -12.37
C THR E 120 12.81 -2.45 -12.94
N GLN E 121 13.33 -3.63 -13.31
CA GLN E 121 14.69 -3.69 -13.84
C GLN E 121 14.86 -2.80 -15.07
N ASN E 122 13.82 -2.68 -15.90
CA ASN E 122 13.89 -1.78 -17.05
C ASN E 122 14.00 -0.33 -16.60
N ASN E 123 13.30 0.04 -15.52
CA ASN E 123 13.36 1.41 -15.03
C ASN E 123 14.74 1.74 -14.48
N PHE E 124 15.37 0.77 -13.80
CA PHE E 124 16.74 0.97 -13.35
C PHE E 124 17.70 1.13 -14.52
N PHE E 125 17.51 0.34 -15.58
CA PHE E 125 18.41 0.41 -16.73
C PHE E 125 18.32 1.76 -17.43
N LEU E 126 17.11 2.33 -17.51
CA LEU E 126 16.96 3.66 -18.08
C LEU E 126 17.63 4.72 -17.21
N LEU E 127 17.58 4.54 -15.88
CA LEU E 127 18.29 5.44 -14.98
C LEU E 127 19.79 5.38 -15.20
N ASN E 128 20.33 4.17 -15.34
CA ASN E 128 21.77 4.01 -15.55
C ASN E 128 22.20 4.68 -16.85
N LEU E 129 21.41 4.56 -17.91
CA LEU E 129 21.69 5.28 -19.14
C LEU E 129 21.63 6.79 -18.92
N ALA E 130 20.66 7.24 -18.12
CA ALA E 130 20.56 8.66 -17.82
C ALA E 130 21.72 9.14 -16.95
N ILE E 131 22.15 8.30 -16.00
CA ILE E 131 23.28 8.67 -15.15
C ILE E 131 24.55 8.80 -15.98
N SER E 132 24.79 7.83 -16.88
CA SER E 132 26.00 7.86 -17.70
C SER E 132 26.02 9.09 -18.61
N ASP E 133 24.86 9.41 -19.21
CA ASP E 133 24.81 10.55 -20.11
C ASP E 133 24.76 11.88 -19.38
N PHE E 134 24.23 11.91 -18.16
CA PHE E 134 24.17 13.16 -17.40
C PHE E 134 25.57 13.67 -17.08
N LEU E 135 26.45 12.78 -16.62
CA LEU E 135 27.81 13.19 -16.30
C LEU E 135 28.60 13.60 -17.54
N VAL E 136 28.19 13.14 -18.72
CA VAL E 136 28.87 13.56 -19.95
C VAL E 136 28.69 15.05 -20.17
N GLY E 137 27.46 15.53 -20.07
CA GLY E 137 27.17 16.93 -20.30
C GLY E 137 27.47 17.86 -19.14
N ALA E 138 27.75 17.31 -17.96
CA ALA E 138 28.00 18.12 -16.78
C ALA E 138 29.47 18.17 -16.37
N PHE E 139 30.24 17.13 -16.71
CA PHE E 139 31.64 17.04 -16.32
C PHE E 139 32.58 17.07 -17.51
N CYS E 140 32.31 16.25 -18.54
CA CYS E 140 33.25 16.08 -19.64
C CYS E 140 33.15 17.22 -20.65
N ILE E 141 31.95 17.46 -21.19
CA ILE E 141 31.78 18.52 -22.18
C ILE E 141 32.13 19.89 -21.62
N PRO E 142 31.65 20.31 -20.44
CA PRO E 142 32.05 21.63 -19.92
C PRO E 142 33.55 21.78 -19.73
N LEU E 143 34.23 20.71 -19.31
CA LEU E 143 35.67 20.77 -19.09
C LEU E 143 36.43 20.79 -20.42
N TYR E 144 35.83 20.26 -21.48
CA TYR E 144 36.44 20.21 -22.79
C TYR E 144 36.22 21.49 -23.59
N VAL E 145 35.34 22.39 -23.14
CA VAL E 145 35.11 23.64 -23.85
C VAL E 145 36.37 24.49 -23.93
N PRO E 146 37.16 24.67 -22.86
CA PRO E 146 38.42 25.42 -23.02
C PRO E 146 39.38 24.78 -24.02
N TYR E 147 39.34 23.45 -24.18
CA TYR E 147 40.24 22.80 -25.12
C TYR E 147 39.96 23.21 -26.55
N VAL E 148 38.71 23.55 -26.86
CA VAL E 148 38.35 23.97 -28.22
C VAL E 148 38.56 25.46 -28.42
N LEU E 149 38.05 26.29 -27.50
CA LEU E 149 38.14 27.73 -27.65
C LEU E 149 39.58 28.21 -27.64
N THR E 150 40.39 27.70 -26.71
CA THR E 150 41.78 28.11 -26.61
C THR E 150 42.69 27.30 -27.52
N GLY E 151 42.36 26.03 -27.77
CA GLY E 151 43.21 25.16 -28.56
C GLY E 151 44.27 24.43 -27.78
N ARG E 152 44.44 24.73 -26.49
CA ARG E 152 45.43 24.06 -25.66
C ARG E 152 44.80 23.62 -24.35
N TRP E 153 45.30 22.52 -23.81
CA TRP E 153 44.85 21.99 -22.53
C TRP E 153 45.65 22.66 -21.42
N THR E 154 45.02 23.59 -20.70
CA THR E 154 45.66 24.36 -19.66
C THR E 154 45.39 23.84 -18.25
N PHE E 155 44.79 22.66 -18.13
CA PHE E 155 44.43 22.12 -16.82
C PHE E 155 45.48 21.16 -16.26
N GLY E 156 46.59 20.96 -16.96
CA GLY E 156 47.68 20.16 -16.44
C GLY E 156 47.61 18.71 -16.91
N ARG E 157 48.79 18.07 -16.88
CA ARG E 157 48.89 16.68 -17.30
C ARG E 157 48.13 15.74 -16.36
N GLY E 158 48.18 16.01 -15.05
CA GLY E 158 47.50 15.15 -14.10
C GLY E 158 46.00 15.15 -14.28
N LEU E 159 45.41 16.33 -14.49
CA LEU E 159 43.96 16.42 -14.63
C LEU E 159 43.49 15.88 -15.96
N CYS E 160 44.36 15.93 -16.98
CA CYS E 160 44.01 15.37 -18.28
C CYS E 160 43.76 13.86 -18.20
N LYS E 161 44.56 13.15 -17.43
CA LYS E 161 44.36 11.71 -17.28
C LYS E 161 43.01 11.41 -16.62
N LEU E 162 42.62 12.22 -15.65
CA LEU E 162 41.29 12.04 -15.04
C LEU E 162 40.19 12.26 -16.06
N TRP E 163 40.28 13.35 -16.83
CA TRP E 163 39.27 13.64 -17.84
C TRP E 163 39.20 12.55 -18.90
N LEU E 164 40.36 12.07 -19.37
CA LEU E 164 40.39 11.00 -20.35
C LEU E 164 39.70 9.74 -19.83
N VAL E 165 40.00 9.37 -18.58
CA VAL E 165 39.40 8.16 -18.02
C VAL E 165 37.90 8.34 -17.85
N VAL E 166 37.46 9.49 -17.32
CA VAL E 166 36.03 9.72 -17.11
C VAL E 166 35.29 9.78 -18.44
N ASP E 167 35.84 10.50 -19.42
CA ASP E 167 35.16 10.65 -20.70
C ASP E 167 35.04 9.31 -21.42
N TYR E 168 36.08 8.50 -21.38
CA TYR E 168 36.01 7.18 -22.01
C TYR E 168 35.15 6.22 -21.19
N LEU E 169 35.09 6.40 -19.88
CA LEU E 169 34.25 5.53 -19.05
C LEU E 169 32.77 5.79 -19.30
N LEU E 170 32.37 7.07 -19.37
CA LEU E 170 30.96 7.40 -19.49
C LEU E 170 30.40 6.99 -20.85
N CYS E 171 31.13 7.28 -21.92
CA CYS E 171 30.66 6.91 -23.26
C CYS E 171 30.61 5.40 -23.43
N THR E 172 31.61 4.68 -22.90
CA THR E 172 31.58 3.23 -22.96
C THR E 172 30.41 2.67 -22.16
N SER E 173 30.16 3.24 -20.97
CA SER E 173 29.02 2.81 -20.18
C SER E 173 27.69 3.15 -20.86
N SER E 174 27.64 4.29 -21.57
CA SER E 174 26.43 4.64 -22.30
C SER E 174 26.15 3.63 -23.41
N ALA E 175 27.20 3.18 -24.09
CA ALA E 175 27.01 2.14 -25.11
C ALA E 175 26.60 0.82 -24.48
N PHE E 176 27.18 0.48 -23.32
CA PHE E 176 26.83 -0.78 -22.68
C PHE E 176 25.44 -0.74 -22.07
N ASN E 177 24.98 0.43 -21.63
CA ASN E 177 23.61 0.54 -21.15
C ASN E 177 22.60 0.27 -22.26
N ILE E 178 22.89 0.78 -23.47
CA ILE E 178 21.99 0.57 -24.60
C ILE E 178 21.85 -0.91 -24.91
N VAL E 179 22.96 -1.66 -24.81
CA VAL E 179 22.90 -3.11 -24.96
C VAL E 179 22.07 -3.72 -23.84
N LEU E 180 22.21 -3.20 -22.63
CA LEU E 180 21.45 -3.71 -21.50
C LEU E 180 19.96 -3.46 -21.67
N ILE E 181 19.60 -2.26 -22.14
CA ILE E 181 18.20 -1.94 -22.38
C ILE E 181 17.64 -2.82 -23.49
N SER E 182 18.39 -2.96 -24.58
CA SER E 182 17.92 -3.79 -25.69
C SER E 182 17.87 -5.26 -25.31
N TYR E 183 18.81 -5.72 -24.48
CA TYR E 183 18.73 -7.10 -23.98
C TYR E 183 17.54 -7.26 -23.05
N ASP E 184 17.21 -6.23 -22.28
CA ASP E 184 16.03 -6.29 -21.43
C ASP E 184 14.75 -6.40 -22.25
N ARG E 185 14.64 -5.59 -23.30
CA ARG E 185 13.46 -5.67 -24.17
C ARG E 185 13.41 -6.98 -24.94
N PHE E 186 14.56 -7.59 -25.21
CA PHE E 186 14.57 -8.87 -25.91
C PHE E 186 14.03 -9.98 -25.02
N LEU E 187 14.30 -9.92 -23.72
CA LEU E 187 13.78 -10.93 -22.80
C LEU E 187 12.27 -10.79 -22.62
N SER E 188 11.77 -9.56 -22.60
CA SER E 188 10.34 -9.33 -22.36
C SER E 188 9.48 -9.97 -23.45
N VAL E 189 9.91 -9.86 -24.71
CA VAL E 189 9.14 -10.45 -25.80
C VAL E 189 9.34 -11.95 -25.86
N THR E 190 10.58 -12.42 -25.70
CA THR E 190 10.87 -13.84 -25.93
C THR E 190 10.59 -14.69 -24.71
N ARG E 191 11.22 -14.38 -23.59
CA ARG E 191 10.95 -15.07 -22.32
C ARG E 191 9.96 -14.24 -21.48
N ALA E 192 8.73 -14.14 -22.02
CA ALA E 192 7.74 -13.26 -21.42
C ALA E 192 7.33 -13.73 -20.03
N VAL E 193 7.17 -15.03 -19.84
CA VAL E 193 6.75 -15.56 -18.55
C VAL E 193 7.83 -15.30 -17.50
N SER E 194 9.08 -15.59 -17.84
CA SER E 194 10.17 -15.43 -16.88
C SER E 194 10.49 -13.97 -16.64
N TYR E 195 10.37 -13.13 -17.68
CA TYR E 195 10.65 -11.71 -17.52
C TYR E 195 9.69 -11.07 -16.53
N ARG E 196 8.40 -11.42 -16.60
CA ARG E 196 7.43 -10.85 -15.68
C ARG E 196 7.64 -11.36 -14.27
N ALA E 197 8.08 -12.60 -14.11
CA ALA E 197 8.34 -13.15 -12.78
C ALA E 197 9.51 -12.43 -12.11
N GLN E 198 10.57 -12.15 -12.87
CA GLN E 198 11.76 -11.49 -12.35
C GLN E 198 11.68 -9.97 -12.47
N GLN E 199 10.64 -9.44 -13.08
CA GLN E 199 10.46 -8.00 -13.14
C GLN E 199 10.27 -7.43 -11.74
N GLY E 200 10.91 -6.29 -11.48
CA GLY E 200 10.86 -5.68 -10.17
C GLY E 200 11.90 -6.18 -9.19
N ASP E 201 12.74 -7.14 -9.60
CA ASP E 201 13.80 -7.67 -8.76
C ASP E 201 14.96 -6.68 -8.77
N THR E 202 14.97 -5.78 -7.79
CA THR E 202 16.01 -4.76 -7.73
C THR E 202 17.40 -5.33 -7.49
N ARG E 203 17.49 -6.52 -6.89
CA ARG E 203 18.80 -7.13 -6.67
C ARG E 203 19.51 -7.44 -7.98
N ARG E 204 18.76 -7.97 -8.95
CA ARG E 204 19.36 -8.26 -10.26
C ARG E 204 19.67 -6.97 -11.01
N ALA E 205 18.78 -5.97 -10.91
CA ALA E 205 18.98 -4.73 -11.64
C ALA E 205 20.25 -4.01 -11.20
N VAL E 206 20.47 -3.93 -9.89
CA VAL E 206 21.68 -3.28 -9.38
C VAL E 206 22.92 -4.09 -9.75
N ARG E 207 22.82 -5.42 -9.70
CA ARG E 207 23.97 -6.26 -10.06
C ARG E 207 24.35 -6.06 -11.53
N LYS E 208 23.36 -6.01 -12.42
CA LYS E 208 23.67 -5.82 -13.84
C LYS E 208 24.13 -4.40 -14.12
N MET E 209 23.65 -3.41 -13.36
CA MET E 209 24.14 -2.05 -13.51
C MET E 209 25.61 -1.94 -13.12
N LEU E 210 26.01 -2.62 -12.04
CA LEU E 210 27.40 -2.58 -11.61
C LEU E 210 28.31 -3.25 -12.63
N LEU E 211 27.85 -4.35 -13.23
CA LEU E 211 28.68 -5.04 -14.23
C LEU E 211 28.94 -4.16 -15.43
N VAL E 212 28.00 -3.27 -15.78
CA VAL E 212 28.18 -2.36 -16.89
C VAL E 212 29.34 -1.40 -16.61
N TRP E 213 29.37 -0.83 -15.40
CA TRP E 213 30.42 0.13 -15.05
C TRP E 213 31.76 -0.56 -14.85
N VAL E 214 31.74 -1.76 -14.27
CA VAL E 214 33.00 -2.49 -14.06
C VAL E 214 33.65 -2.84 -15.39
N LEU E 215 32.88 -3.41 -16.31
CA LEU E 215 33.42 -3.76 -17.61
C LEU E 215 33.78 -2.53 -18.43
N ALA E 216 33.04 -1.43 -18.25
CA ALA E 216 33.37 -0.20 -18.97
C ALA E 216 34.74 0.33 -18.54
N PHE E 217 35.04 0.27 -17.25
CA PHE E 217 36.33 0.76 -16.75
C PHE E 217 37.47 -0.13 -17.24
N LEU E 218 37.28 -1.45 -17.22
CA LEU E 218 38.34 -2.37 -17.60
C LEU E 218 38.70 -2.28 -19.08
N LEU E 219 37.89 -1.60 -19.89
CA LEU E 219 38.20 -1.47 -21.31
C LEU E 219 39.21 -0.36 -21.57
N TYR E 220 39.04 0.80 -20.93
CA TYR E 220 39.92 1.94 -21.16
C TYR E 220 40.63 2.43 -19.91
N GLY E 221 40.21 2.03 -18.71
CA GLY E 221 40.83 2.49 -17.49
C GLY E 221 42.29 2.14 -17.39
N PRO E 222 42.60 0.84 -17.34
CA PRO E 222 44.01 0.43 -17.28
C PRO E 222 44.82 0.88 -18.48
N ALA E 223 44.23 0.97 -19.66
CA ALA E 223 44.97 1.33 -20.86
C ALA E 223 45.44 2.78 -20.80
N ILE E 224 44.54 3.70 -20.46
CA ILE E 224 44.90 5.12 -20.42
C ILE E 224 45.92 5.37 -19.31
N LEU E 225 45.68 4.83 -18.12
CA LEU E 225 46.53 5.16 -16.98
C LEU E 225 47.92 4.56 -17.11
N SER E 226 48.03 3.34 -17.63
CA SER E 226 49.29 2.60 -17.61
C SER E 226 50.00 2.60 -18.96
N TRP E 227 49.58 3.44 -19.91
CA TRP E 227 50.27 3.48 -21.20
C TRP E 227 51.58 4.25 -21.08
N GLU E 228 51.54 5.43 -20.46
CA GLU E 228 52.75 6.22 -20.29
C GLU E 228 53.78 5.50 -19.42
N TYR E 229 53.32 4.85 -18.35
CA TYR E 229 54.23 4.24 -17.40
C TYR E 229 54.78 2.89 -17.85
N LEU E 230 54.28 2.34 -18.95
CA LEU E 230 54.79 1.08 -19.46
C LEU E 230 55.44 1.20 -20.84
N SER E 231 55.06 2.18 -21.65
CA SER E 231 55.63 2.36 -22.97
C SER E 231 56.83 3.30 -22.98
N GLY E 232 57.26 3.80 -21.83
CA GLY E 232 58.37 4.74 -21.78
C GLY E 232 57.92 6.16 -21.50
N GLY E 233 57.99 7.01 -22.51
CA GLY E 233 57.56 8.39 -22.40
C GLY E 233 56.16 8.61 -22.95
N SER E 234 55.76 9.88 -22.95
CA SER E 234 54.47 10.30 -23.47
C SER E 234 54.69 11.09 -24.75
N SER E 235 54.05 10.66 -25.84
CA SER E 235 54.15 11.34 -27.12
C SER E 235 53.21 12.53 -27.24
N ILE E 236 52.39 12.78 -26.22
CA ILE E 236 51.43 13.88 -26.25
C ILE E 236 52.15 15.21 -26.01
N PRO E 237 52.08 16.16 -26.94
CA PRO E 237 52.74 17.45 -26.73
C PRO E 237 52.11 18.21 -25.57
N GLU E 238 52.91 19.05 -24.92
CA GLU E 238 52.42 19.88 -23.84
C GLU E 238 51.32 20.80 -24.33
N GLY E 239 50.24 20.88 -23.55
CA GLY E 239 49.06 21.63 -23.94
C GLY E 239 48.01 20.85 -24.71
N HIS E 240 48.29 19.59 -25.05
CA HIS E 240 47.33 18.74 -25.73
C HIS E 240 46.91 17.60 -24.80
N CYS E 241 45.62 17.25 -24.87
CA CYS E 241 45.06 16.21 -23.99
C CYS E 241 44.25 15.24 -24.85
N TYR E 242 44.84 14.10 -25.15
CA TYR E 242 44.14 13.00 -25.82
C TYR E 242 44.79 11.70 -25.39
N ALA E 243 44.14 10.59 -25.75
CA ALA E 243 44.58 9.28 -25.28
C ALA E 243 45.97 8.96 -25.82
N GLU E 244 46.73 8.18 -25.04
CA GLU E 244 48.06 7.78 -25.49
C GLU E 244 47.99 6.89 -26.73
N PHE E 245 46.95 6.05 -26.84
CA PHE E 245 46.73 5.21 -28.00
C PHE E 245 45.98 5.93 -29.12
N PHE E 246 46.04 7.26 -29.14
CA PHE E 246 45.29 8.04 -30.14
C PHE E 246 45.74 7.71 -31.55
N TYR E 247 47.05 7.51 -31.75
CA TYR E 247 47.60 7.18 -33.06
C TYR E 247 47.94 5.71 -33.20
N ASN E 248 47.67 4.90 -32.18
CA ASN E 248 47.85 3.46 -32.29
C ASN E 248 46.77 2.85 -33.16
N TRP E 249 47.15 1.89 -33.99
CA TRP E 249 46.22 1.25 -34.92
C TRP E 249 45.72 -0.10 -34.41
N TYR E 250 46.57 -0.89 -33.76
CA TYR E 250 46.16 -2.22 -33.33
C TYR E 250 45.21 -2.15 -32.13
N PHE E 251 45.45 -1.22 -31.21
CA PHE E 251 44.61 -1.14 -30.02
C PHE E 251 43.25 -0.53 -30.34
N LEU E 252 43.21 0.49 -31.19
CA LEU E 252 41.94 1.17 -31.46
C LEU E 252 40.92 0.24 -32.11
N ILE E 253 41.36 -0.58 -33.07
CA ILE E 253 40.42 -1.48 -33.73
C ILE E 253 39.94 -2.55 -32.75
N THR E 254 40.83 -3.02 -31.88
CA THR E 254 40.43 -4.03 -30.90
C THR E 254 39.53 -3.44 -29.82
N ALA E 255 39.87 -2.26 -29.31
CA ALA E 255 39.05 -1.65 -28.28
C ALA E 255 37.67 -1.27 -28.82
N SER E 256 37.61 -0.74 -30.04
CA SER E 256 36.33 -0.36 -30.61
C SER E 256 35.47 -1.58 -30.92
N THR E 257 36.09 -2.73 -31.19
CA THR E 257 35.33 -3.94 -31.46
C THR E 257 34.50 -4.34 -30.25
N LEU E 258 35.09 -4.27 -29.05
CA LEU E 258 34.36 -4.59 -27.83
C LEU E 258 33.53 -3.43 -27.31
N GLU E 259 33.68 -2.24 -27.89
CA GLU E 259 32.95 -1.06 -27.43
C GLU E 259 31.80 -0.67 -28.34
N PHE E 260 31.98 -0.78 -29.65
CA PHE E 260 30.89 -0.42 -30.54
C PHE E 260 30.50 -1.52 -31.52
N PHE E 261 31.45 -2.25 -32.08
CA PHE E 261 31.12 -3.23 -33.10
C PHE E 261 30.29 -4.38 -32.52
N THR E 262 30.76 -4.98 -31.43
CA THR E 262 29.96 -6.00 -30.76
C THR E 262 28.67 -5.45 -30.18
N PRO E 263 28.64 -4.31 -29.47
CA PRO E 263 27.36 -3.77 -29.02
C PRO E 263 26.39 -3.44 -30.15
N PHE E 264 26.88 -2.95 -31.29
CA PHE E 264 25.98 -2.59 -32.37
C PHE E 264 25.33 -3.82 -32.99
N LEU E 265 26.09 -4.90 -33.15
CA LEU E 265 25.50 -6.12 -33.68
C LEU E 265 24.55 -6.75 -32.67
N SER E 266 24.86 -6.63 -31.37
CA SER E 266 23.96 -7.14 -30.34
C SER E 266 22.66 -6.36 -30.31
N VAL E 267 22.73 -5.03 -30.41
CA VAL E 267 21.51 -4.22 -30.45
C VAL E 267 20.72 -4.52 -31.72
N THR E 268 21.42 -4.67 -32.85
CA THR E 268 20.75 -5.04 -34.09
C THR E 268 20.09 -6.41 -33.98
N PHE E 269 20.80 -7.38 -33.42
CA PHE E 269 20.23 -8.72 -33.27
C PHE E 269 19.03 -8.71 -32.32
N PHE E 270 19.14 -7.96 -31.21
CA PHE E 270 18.05 -7.94 -30.23
C PHE E 270 16.82 -7.24 -30.80
N ASN E 271 17.00 -6.09 -31.43
CA ASN E 271 15.86 -5.37 -31.99
C ASN E 271 15.27 -6.07 -33.20
N LEU E 272 16.06 -6.89 -33.90
CA LEU E 272 15.51 -7.68 -35.00
C LEU E 272 14.69 -8.86 -34.50
N SER E 273 15.15 -9.51 -33.43
CA SER E 273 14.40 -10.63 -32.87
C SER E 273 13.08 -10.18 -32.28
N ILE E 274 13.02 -8.97 -31.73
CA ILE E 274 11.74 -8.42 -31.25
C ILE E 274 10.78 -8.26 -32.41
N TYR E 275 11.25 -7.73 -33.54
CA TYR E 275 10.39 -7.53 -34.70
C TYR E 275 9.91 -8.86 -35.26
N LEU E 276 10.80 -9.85 -35.36
CA LEU E 276 10.39 -11.15 -35.88
C LEU E 276 9.37 -11.82 -34.99
N ASN E 277 9.57 -11.74 -33.67
CA ASN E 277 8.61 -12.34 -32.74
C ASN E 277 7.25 -11.64 -32.81
N ILE E 278 7.24 -10.32 -32.90
CA ILE E 278 5.98 -9.59 -32.98
C ILE E 278 5.25 -9.93 -34.27
N GLN E 279 5.97 -9.93 -35.39
CA GLN E 279 5.35 -10.28 -36.67
C GLN E 279 4.86 -11.72 -36.67
N ARG E 280 5.67 -12.64 -36.15
CA ARG E 280 5.26 -14.04 -36.11
C ARG E 280 4.05 -14.25 -35.21
N ARG E 281 4.04 -13.59 -34.04
CA ARG E 281 2.92 -13.75 -33.12
C ARG E 281 1.63 -13.19 -33.69
N THR E 282 1.71 -12.05 -34.39
CA THR E 282 0.51 -11.52 -35.04
C THR E 282 0.06 -12.41 -36.19
N ARG E 283 1.00 -13.02 -36.91
CA ARG E 283 0.63 -13.90 -38.02
C ARG E 283 -0.20 -15.08 -37.54
N LEU E 284 0.21 -15.70 -36.42
CA LEU E 284 -0.60 -16.76 -35.84
C LEU E 284 -1.92 -16.24 -35.30
N ARG E 285 -1.94 -14.99 -34.81
CA ARG E 285 -3.18 -14.41 -34.30
C ARG E 285 -4.22 -14.27 -35.41
N LEU E 286 -3.81 -13.77 -36.57
CA LEU E 286 -4.76 -13.61 -37.68
C LEU E 286 -5.14 -14.97 -38.27
N ASP E 287 -4.16 -15.87 -38.41
CA ASP E 287 -4.46 -17.19 -38.96
C ASP E 287 -5.39 -17.98 -38.04
N SER E 396 -10.76 -7.17 -39.45
CA SER E 396 -11.67 -6.36 -38.66
C SER E 396 -10.95 -5.15 -38.08
N PHE E 397 -11.68 -4.33 -37.33
CA PHE E 397 -11.09 -3.13 -36.73
C PHE E 397 -9.99 -3.49 -35.76
N THR E 398 -10.16 -4.58 -35.01
CA THR E 398 -9.15 -5.02 -34.07
C THR E 398 -7.89 -5.51 -34.78
N GLN E 399 -8.06 -6.27 -35.86
CA GLN E 399 -6.91 -6.81 -36.59
C GLN E 399 -6.13 -5.70 -37.28
N ARG E 400 -6.83 -4.68 -37.78
CA ARG E 400 -6.14 -3.53 -38.35
C ARG E 400 -5.31 -2.80 -37.30
N PHE E 401 -5.86 -2.63 -36.10
CA PHE E 401 -5.14 -1.92 -35.05
C PHE E 401 -3.89 -2.68 -34.63
N ARG E 402 -3.97 -4.00 -34.50
CA ARG E 402 -2.81 -4.79 -34.11
C ARG E 402 -1.72 -4.73 -35.18
N LEU E 403 -2.11 -4.82 -36.45
CA LEU E 403 -1.13 -4.71 -37.54
C LEU E 403 -0.48 -3.32 -37.55
N SER E 404 -1.28 -2.27 -37.33
CA SER E 404 -0.73 -0.92 -37.28
C SER E 404 0.21 -0.76 -36.09
N ARG E 405 -0.10 -1.41 -34.97
CA ARG E 405 0.77 -1.32 -33.80
C ARG E 405 2.12 -1.97 -34.06
N ASP E 406 2.12 -3.10 -34.78
CA ASP E 406 3.38 -3.77 -35.08
C ASP E 406 4.27 -2.91 -35.98
N ARG E 407 3.69 -2.22 -36.95
CA ARG E 407 4.47 -1.33 -37.80
C ARG E 407 5.03 -0.16 -36.99
N LYS E 408 4.26 0.37 -36.04
CA LYS E 408 4.74 1.45 -35.20
C LYS E 408 5.94 1.01 -34.36
N VAL E 409 5.90 -0.22 -33.87
CA VAL E 409 7.05 -0.76 -33.14
C VAL E 409 8.24 -0.91 -34.08
N ALA E 410 8.00 -1.37 -35.31
CA ALA E 410 9.09 -1.56 -36.27
C ALA E 410 9.81 -0.25 -36.57
N LYS E 411 9.05 0.84 -36.75
CA LYS E 411 9.68 2.14 -36.94
C LYS E 411 10.43 2.57 -35.68
N SER E 412 9.87 2.29 -34.52
CA SER E 412 10.55 2.62 -33.26
C SER E 412 11.84 1.84 -33.11
N LEU E 413 11.82 0.55 -33.48
CA LEU E 413 13.02 -0.28 -33.37
C LEU E 413 14.09 0.12 -34.38
N ALA E 414 13.68 0.61 -35.55
CA ALA E 414 14.66 0.98 -36.57
C ALA E 414 15.37 2.27 -36.22
N VAL E 415 14.65 3.23 -35.62
CA VAL E 415 15.27 4.49 -35.23
C VAL E 415 16.31 4.27 -34.14
N ILE E 416 16.03 3.36 -33.20
CA ILE E 416 16.95 3.12 -32.10
C ILE E 416 18.27 2.58 -32.60
N VAL E 417 18.24 1.62 -33.52
CA VAL E 417 19.47 1.08 -34.08
C VAL E 417 20.16 2.12 -34.95
N SER E 418 19.38 2.92 -35.68
CA SER E 418 19.97 3.90 -36.59
C SER E 418 20.66 5.03 -35.83
N ILE E 419 20.00 5.58 -34.81
CA ILE E 419 20.58 6.69 -34.06
C ILE E 419 21.86 6.27 -33.35
N PHE E 420 21.85 5.09 -32.73
CA PHE E 420 23.05 4.59 -32.09
C PHE E 420 24.17 4.37 -33.11
N GLY E 421 23.83 3.81 -34.27
CA GLY E 421 24.83 3.64 -35.32
C GLY E 421 25.28 4.95 -35.93
N LEU E 422 24.35 5.88 -36.13
CA LEU E 422 24.69 7.14 -36.79
C LEU E 422 25.65 7.97 -35.95
N CYS E 423 25.46 7.98 -34.64
CA CYS E 423 26.31 8.82 -33.78
C CYS E 423 27.69 8.21 -33.55
N TRP E 424 27.79 6.88 -33.51
CA TRP E 424 29.03 6.23 -33.11
C TRP E 424 29.89 5.76 -34.28
N ALA E 425 29.28 5.36 -35.40
CA ALA E 425 30.07 4.81 -36.51
C ALA E 425 31.09 5.78 -37.08
N PRO E 426 30.77 7.05 -37.36
CA PRO E 426 31.80 7.93 -37.95
C PRO E 426 33.06 8.05 -37.11
N TYR E 427 32.93 8.38 -35.82
CA TYR E 427 34.11 8.53 -34.98
C TYR E 427 34.86 7.21 -34.84
N THR E 428 34.13 6.10 -34.65
CA THR E 428 34.76 4.81 -34.48
C THR E 428 35.54 4.40 -35.72
N LEU E 429 34.99 4.69 -36.90
CA LEU E 429 35.72 4.39 -38.14
C LEU E 429 36.86 5.37 -38.36
N LEU E 430 36.67 6.64 -38.02
CA LEU E 430 37.71 7.64 -38.23
C LEU E 430 38.95 7.34 -37.39
N MET E 431 38.76 6.90 -36.15
CA MET E 431 39.91 6.59 -35.29
C MET E 431 40.76 5.49 -35.90
N ILE E 432 40.13 4.44 -36.43
CA ILE E 432 40.90 3.36 -37.04
C ILE E 432 41.53 3.82 -38.35
N ILE E 433 40.79 4.60 -39.14
CA ILE E 433 41.32 5.09 -40.40
C ILE E 433 42.43 6.11 -40.16
N ARG E 434 42.22 7.06 -39.25
CA ARG E 434 43.21 8.09 -38.99
C ARG E 434 44.48 7.51 -38.40
N ALA E 435 44.37 6.43 -37.61
CA ALA E 435 45.55 5.81 -37.02
C ALA E 435 46.47 5.24 -38.10
N ALA E 436 45.89 4.66 -39.15
CA ALA E 436 46.71 4.06 -40.21
C ALA E 436 47.54 5.10 -40.94
N CYS E 437 46.94 6.25 -41.26
CA CYS E 437 47.62 7.30 -42.00
C CYS E 437 48.13 8.42 -41.10
N HIS E 438 48.01 8.26 -39.78
CA HIS E 438 48.56 9.20 -38.81
C HIS E 438 48.05 10.63 -39.02
N GLY E 439 46.77 10.74 -39.39
CA GLY E 439 46.15 12.04 -39.55
C GLY E 439 46.40 12.73 -40.87
N HIS E 440 47.20 12.12 -41.75
CA HIS E 440 47.50 12.76 -43.03
C HIS E 440 46.31 12.67 -43.98
N CYS E 441 45.60 11.55 -43.96
CA CYS E 441 44.48 11.32 -44.87
C CYS E 441 43.14 11.79 -44.32
N VAL E 442 43.09 12.24 -43.08
CA VAL E 442 41.85 12.66 -42.42
C VAL E 442 41.92 14.17 -42.18
N PRO E 443 40.99 14.95 -42.71
CA PRO E 443 40.97 16.39 -42.40
C PRO E 443 40.80 16.64 -40.92
N ASP E 444 41.43 17.71 -40.44
CA ASP E 444 41.41 18.01 -39.01
C ASP E 444 40.00 18.32 -38.52
N TYR E 445 39.23 19.07 -39.30
CA TYR E 445 37.88 19.43 -38.89
C TYR E 445 36.91 18.26 -38.96
N TRP E 446 37.23 17.22 -39.73
CA TRP E 446 36.37 16.04 -39.77
C TRP E 446 36.43 15.28 -38.45
N TYR E 447 37.61 15.23 -37.82
CA TYR E 447 37.74 14.50 -36.56
C TYR E 447 36.86 15.11 -35.47
N GLU E 448 36.86 16.44 -35.36
CA GLU E 448 36.05 17.09 -34.34
C GLU E 448 34.56 16.86 -34.59
N THR E 449 34.13 16.91 -35.85
CA THR E 449 32.71 16.73 -36.16
C THR E 449 32.23 15.35 -35.71
N SER E 450 33.00 14.31 -36.02
CA SER E 450 32.68 12.97 -35.52
C SER E 450 32.88 12.87 -34.02
N PHE E 451 33.76 13.69 -33.46
CA PHE E 451 33.97 13.69 -32.01
C PHE E 451 32.72 14.13 -31.27
N TRP E 452 32.03 15.15 -31.77
CA TRP E 452 30.84 15.67 -31.12
C TRP E 452 29.59 14.84 -31.41
N LEU E 453 29.65 13.89 -32.35
CA LEU E 453 28.50 13.04 -32.59
C LEU E 453 28.24 12.10 -31.42
N LEU E 454 29.31 11.54 -30.82
CA LEU E 454 29.14 10.69 -29.66
C LEU E 454 28.49 11.46 -28.50
N TRP E 455 28.93 12.70 -28.27
CA TRP E 455 28.31 13.51 -27.23
C TRP E 455 26.91 13.94 -27.61
N ALA E 456 26.63 14.07 -28.91
CA ALA E 456 25.26 14.34 -29.35
C ALA E 456 24.34 13.17 -29.03
N ASN E 457 24.87 11.94 -29.01
CA ASN E 457 24.06 10.78 -28.66
C ASN E 457 23.59 10.85 -27.22
N SER E 458 24.36 11.51 -26.34
CA SER E 458 23.95 11.65 -24.95
C SER E 458 22.79 12.62 -24.77
N ALA E 459 22.50 13.45 -25.78
CA ALA E 459 21.37 14.35 -25.73
C ALA E 459 20.12 13.78 -26.40
N VAL E 460 20.28 12.81 -27.31
CA VAL E 460 19.14 12.17 -27.94
C VAL E 460 18.63 10.99 -27.13
N ASN E 461 19.50 10.36 -26.33
CA ASN E 461 19.07 9.23 -25.51
C ASN E 461 17.89 9.55 -24.61
N PRO E 462 17.84 10.68 -23.89
CA PRO E 462 16.63 11.00 -23.12
C PRO E 462 15.38 11.10 -23.98
N VAL E 463 15.52 11.56 -25.23
CA VAL E 463 14.37 11.65 -26.11
C VAL E 463 13.90 10.26 -26.52
N LEU E 464 14.83 9.33 -26.73
CA LEU E 464 14.46 8.01 -27.25
C LEU E 464 13.90 7.11 -26.15
N TYR E 465 14.74 6.69 -25.20
CA TYR E 465 14.33 5.64 -24.27
C TYR E 465 13.34 6.13 -23.23
N PRO E 466 13.65 7.16 -22.42
CA PRO E 466 12.68 7.55 -21.38
C PRO E 466 11.43 8.23 -21.92
N LEU E 467 11.58 9.15 -22.87
CA LEU E 467 10.42 9.91 -23.34
C LEU E 467 9.41 9.01 -24.03
N CYS E 468 9.88 8.06 -24.84
CA CYS E 468 8.97 7.11 -25.49
C CYS E 468 8.47 6.04 -24.54
N HIS E 469 9.07 5.89 -23.36
CA HIS E 469 8.61 4.93 -22.39
C HIS E 469 7.31 5.41 -21.75
N HIS E 470 6.34 4.50 -21.64
CA HIS E 470 5.03 4.88 -21.13
C HIS E 470 5.08 5.27 -19.66
N SER E 471 5.79 4.49 -18.84
CA SER E 471 5.84 4.76 -17.41
C SER E 471 6.54 6.07 -17.11
N PHE E 472 7.67 6.35 -17.78
CA PHE E 472 8.38 7.60 -17.56
C PHE E 472 7.64 8.80 -18.12
N ARG E 473 6.85 8.61 -19.17
CA ARG E 473 6.11 9.73 -19.75
C ARG E 473 5.09 10.29 -18.75
N ARG E 474 4.40 9.41 -18.03
CA ARG E 474 3.48 9.87 -17.00
C ARG E 474 4.20 10.61 -15.88
N ALA E 475 5.37 10.11 -15.48
CA ALA E 475 6.15 10.76 -14.43
C ALA E 475 6.58 12.17 -14.85
N PHE E 476 6.92 12.34 -16.13
CA PHE E 476 7.26 13.67 -16.62
C PHE E 476 6.06 14.61 -16.52
N THR E 477 4.88 14.12 -16.88
CA THR E 477 3.66 14.93 -16.74
C THR E 477 3.34 15.18 -15.28
N LYS E 478 3.58 14.19 -14.41
CA LYS E 478 3.32 14.36 -12.99
C LYS E 478 4.18 15.46 -12.39
N LEU E 479 5.46 15.51 -12.76
CA LEU E 479 6.32 16.58 -12.25
C LEU E 479 6.02 17.91 -12.93
N LEU E 480 5.56 17.88 -14.17
CA LEU E 480 5.27 19.11 -14.91
C LEU E 480 4.28 18.85 -16.05
N12 A1LY2 F . 34.04 11.65 -26.68
C02 A1LY2 F . 35.11 6.41 -27.92
C03 A1LY2 F . 35.51 7.74 -27.87
C04 A1LY2 F . 35.43 8.42 -26.67
C05 A1LY2 F . 34.95 7.77 -25.55
C06 A1LY2 F . 34.57 6.45 -25.66
C07 A1LY2 F . 35.87 9.88 -26.59
C08 A1LY2 F . 34.85 10.79 -27.28
C09 A1LY2 F . 34.60 10.87 -28.63
C11 A1LY2 F . 33.31 12.24 -27.61
N01 A1LY2 F . 34.66 5.83 -26.83
N10 A1LY2 F . 33.64 11.77 -28.79
C1 CLR G . 34.06 23.35 -36.08
C2 CLR G . 35.53 23.12 -36.49
C3 CLR G . 36.45 23.46 -35.31
C4 CLR G . 36.17 22.49 -34.17
C5 CLR G . 34.69 22.56 -33.83
C6 CLR G . 34.37 22.75 -32.58
C7 CLR G . 32.95 22.83 -32.10
C8 CLR G . 32.04 22.08 -33.08
C9 CLR G . 32.26 22.65 -34.49
C10 CLR G . 33.70 22.41 -34.93
C11 CLR G . 31.28 22.06 -35.51
C12 CLR G . 29.81 22.11 -35.05
C13 CLR G . 29.67 21.49 -33.65
C14 CLR G . 30.60 22.30 -32.70
C15 CLR G . 30.17 21.76 -31.33
C16 CLR G . 28.62 21.74 -31.45
C17 CLR G . 28.31 21.59 -32.96
C18 CLR G . 30.14 20.04 -33.67
C19 CLR G . 33.79 20.97 -35.44
C20 CLR G . 27.46 20.33 -33.23
C21 CLR G . 26.55 20.57 -34.44
C22 CLR G . 26.63 19.97 -31.99
C23 CLR G . 25.21 20.56 -32.07
C24 CLR G . 24.50 20.34 -30.73
C25 CLR G . 23.02 20.70 -30.87
C26 CLR G . 22.35 20.62 -29.50
C27 CLR G . 22.87 22.12 -31.43
O1 CLR G . 37.81 23.34 -35.73
C1 CLR H . 23.90 1.79 -6.11
C2 CLR H . 22.72 0.89 -5.76
C3 CLR H . 21.42 1.56 -6.18
C4 CLR H . 21.40 1.63 -7.71
C5 CLR H . 22.62 2.43 -8.15
C6 CLR H . 22.42 3.43 -8.96
C7 CLR H . 23.51 4.31 -9.48
C8 CLR H . 24.88 3.65 -9.34
C9 CLR H . 25.05 3.07 -7.94
C10 CLR H . 23.96 2.04 -7.62
C11 CLR H . 26.44 2.45 -7.76
C12 CLR H . 27.55 3.49 -8.03
C13 CLR H . 27.36 4.14 -9.40
C14 CLR H . 25.93 4.75 -9.45
C15 CLR H . 25.97 5.50 -10.78
C16 CLR H . 27.34 6.23 -10.68
C17 CLR H . 28.21 5.37 -9.74
C18 CLR H . 27.49 3.09 -10.51
C19 CLR H . 24.36 0.73 -8.31
C20 CLR H . 29.54 5.00 -10.41
C21 CLR H . 30.63 4.82 -9.35
C22 CLR H . 29.93 6.11 -11.41
C23 CLR H . 31.45 6.32 -11.47
C24 CLR H . 31.72 7.77 -11.83
C25 CLR H . 33.24 7.99 -11.98
C26 CLR H . 33.51 9.48 -12.23
C27 CLR H . 33.95 7.56 -10.71
O1 CLR H . 20.31 0.79 -5.72
C1 CLR I . 24.66 -10.27 -20.48
C2 CLR I . 23.37 -10.69 -19.78
C3 CLR I . 23.39 -10.15 -18.35
C4 CLR I . 23.27 -8.63 -18.44
C5 CLR I . 24.45 -8.10 -19.22
C6 CLR I . 25.11 -7.09 -18.73
C7 CLR I . 26.31 -6.45 -19.38
C8 CLR I . 26.51 -6.90 -20.83
C9 CLR I . 26.20 -8.39 -21.00
C10 CLR I . 24.79 -8.74 -20.53
C11 CLR I . 26.41 -8.83 -22.44
C12 CLR I . 27.87 -8.61 -22.87
C13 CLR I . 28.27 -7.14 -22.65
C14 CLR I . 27.98 -6.76 -21.17
C15 CLR I . 28.56 -5.33 -21.11
C16 CLR I . 29.90 -5.52 -21.86
C17 CLR I . 29.76 -6.78 -22.75
C18 CLR I . 27.43 -6.22 -23.55
C19 CLR I . 23.82 -8.21 -21.59
C20 CLR I . 30.24 -6.45 -24.18
C21 CLR I . 30.34 -7.70 -25.05
C22 CLR I . 31.64 -5.83 -24.08
C23 CLR I . 32.64 -6.91 -23.67
C24 CLR I . 34.05 -6.32 -23.58
C25 CLR I . 34.47 -6.15 -22.12
C26 CLR I . 35.97 -6.40 -21.98
C27 CLR I . 34.16 -4.72 -21.67
O1 CLR I . 22.29 -10.69 -17.62
C1 CLR J . 20.54 6.85 -5.74
C2 CLR J . 19.32 5.94 -5.71
C3 CLR J . 18.05 6.79 -5.88
C4 CLR J . 18.06 7.40 -7.28
C5 CLR J . 19.34 8.20 -7.45
C6 CLR J . 19.25 9.41 -7.91
C7 CLR J . 20.43 10.31 -8.14
C8 CLR J . 21.71 9.49 -8.28
C9 CLR J . 21.82 8.51 -7.10
C10 CLR J . 20.64 7.54 -7.10
C11 CLR J . 23.14 7.75 -7.11
C12 CLR J . 24.35 8.71 -7.13
C13 CLR J . 24.24 9.65 -8.33
C14 CLR J . 22.91 10.44 -8.21
C15 CLR J . 23.03 11.42 -9.38
C16 CLR J . 24.52 11.88 -9.26
C17 CLR J . 25.26 10.79 -8.44
C18 CLR J . 24.23 8.85 -9.64
C19 CLR J . 20.92 6.49 -8.17
C20 CLR J . 26.55 10.37 -9.16
C21 CLR J . 27.51 9.68 -8.19
C22 CLR J . 27.25 11.60 -9.75
C23 CLR J . 27.98 12.38 -8.65
C24 CLR J . 28.98 13.37 -9.28
C25 CLR J . 30.18 12.60 -9.81
C26 CLR J . 31.17 13.58 -10.45
C27 CLR J . 30.87 11.87 -8.65
O1 CLR J . 16.90 5.96 -5.71
C1 CLR K . 44.49 11.02 -11.00
C2 CLR K . 45.61 11.81 -11.69
C3 CLR K . 46.93 11.07 -11.53
C4 CLR K . 46.85 9.73 -12.26
C5 CLR K . 45.65 8.96 -11.73
C6 CLR K . 45.83 7.72 -11.36
C7 CLR K . 44.73 6.85 -10.82
C8 CLR K . 43.37 7.36 -11.29
C9 CLR K . 43.24 8.85 -10.96
C10 CLR K . 44.33 9.65 -11.67
C11 CLR K . 41.86 9.39 -11.29
C12 CLR K . 40.73 8.58 -10.64
C13 CLR K . 40.88 7.10 -10.99
C14 CLR K . 42.28 6.62 -10.53
C15 CLR K . 42.20 5.11 -10.78
C16 CLR K . 40.77 4.77 -10.27
C17 CLR K . 39.96 6.10 -10.28
C18 CLR K . 40.77 6.91 -12.51
C19 CLR K . 43.85 9.87 -13.12
C20 CLR K . 38.62 5.93 -10.99
C21 CLR K . 37.60 6.91 -10.41
C22 CLR K . 38.10 4.50 -10.79
C23 CLR K . 36.72 4.33 -11.44
C24 CLR K . 36.23 2.90 -11.20
C25 CLR K . 34.91 2.68 -11.94
C26 CLR K . 34.54 1.20 -11.87
C27 CLR K . 33.80 3.49 -11.28
O1 CLR K . 47.99 11.85 -12.07
#